data_6EN3
#
_entry.id   6EN3
#
_cell.length_a   77.640
_cell.length_b   90.080
_cell.length_c   104.370
_cell.angle_alpha   90.00
_cell.angle_beta   110.44
_cell.angle_gamma   90.00
#
_symmetry.space_group_name_H-M   'P 1 21 1'
#
loop_
_entity.id
_entity.type
_entity.pdbx_description
1 polymer 'Endo-beta-N-acetylglucosaminidase F2,Multifunctional-autoprocessing repeats-in-toxin'
2 branched beta-D-galactopyranose-(1-4)-2-acetamido-2-deoxy-beta-D-glucopyranose-(1-2)-alpha-D-mannopyranose-(1-3)-[beta-D-galactopyranose-(1-4)-2-acetamido-2-deoxy-beta-D-glucopyranose-(1-2)-alpha-D-mannopyranose-(1-6)]beta-D-mannopyranose-(1-4)-2-acetamido-2-deoxy-beta-D-glucopyranose
3 non-polymer 'CALCIUM ION'
4 non-polymer 'NICKEL (II) ION'
5 water water
#
_entity_poly.entity_id   1
_entity_poly.type   'polypeptide(L)'
_entity_poly.pdbx_seq_one_letter_code
;MEEKTVQVQKGLPSIDSLHYLSENSKKEFKEELSKAGQESQKVKEILAKAQQADKQAQELAKMKIPEKIPMKPLHGPLYG
GYFRTWHDKTSDPTEKDKVNSMGELPKEVDLAFIFHDWTKDYSLFWKELATKHVPKLNKQGTRVIRTIPWRFLAGGDNSG
IAEDTSKYPNTPEGNKALAKAIVDEYVYKYNLDGLDVAVLHDSIPKVDKKEDTAGVERSIQVFEEIGKLIGPKGVDKSRL
FIMDSTYMADKNPLIERGAPYINLLLVQVYGSQGEKGGWEPVSNRPEKTMEERWQGYSKYIRPEQYMIGFSFYEENAQEG
NLWYDINSRKDEDKANGINTDITGTRAERYARWQPKTGGVKGGIFSYAIDRDGVAHQPKKYAKQKEFKDATDNIFHSDYS
VSKALKTVMLKDKSYDLIDEKDFPDKALREAVMAQVGTRKGDLERFNGTLRLDNPAIQSLEGLNKFKKLAQLDLIGLSRI
TKLDRSVLPANMKPGKDTLETVLETYKKDNKEEPATIPPVSLKVSGLTGLKELDLSGFDRETLAGLDAATLTSLEKVDIS
GNKLDLAPGTENRQIFDTMLSTISNHVGSNEQTVKFDKQKPTGHYPDTYGKTSLRLPVANEKVDLQSQLLFGTVTNQGTL
INSEADYKAYQNHKIAGRSFVDSNYHYNNFKVSYENYTVKVTDSTLGTTTDKTLATDKEETYKVDFFSPADKTKAVHTAK
VIVGDEKTMMVNLAEGATVIGGSADPVNARKVFDGQLGSETDNISLGWDSKQSIIFKLKEDGLIKHWRFFNDSARNPETT
NKPIQEASLQIFNIKDYNLDNLLENPNKFDDEKYWITVDTYSAQGERATAFSNTLNNITSKYWRVVFDTKGDRYSSPVVP
ELQILGYPLPNADTIMKTVTTAKELSQQKDKFSQKMLDELKIKEMALETSLNSKIFDVTAINANAGVLKDCIEKRQLLKK
LGSGKILHNQNVNSWGPITVTPTTDGGETRFDGQIIVQMENDPVVAKAAANLAGKHAESSVVVQLDSDGNYRVVYGDPSK
LDGKLRWQLVGHGRDHSETNNTRLSGYSADELAVKLAKFQQSFNQAENINNKPDHISIVGCSLVSDDKQKGFGHQFINAM
DANGLRVDVSVRSSELAVDEAGRKHTKDANGDWVQKAENNKVSLSWDAQLEGGSGGSGNSGHHHHHHHHHH
;
_entity_poly.pdbx_strand_id   A
#
# COMPACT_ATOMS: atom_id res chain seq x y z
N PRO A 13 16.38 -11.35 -61.97
CA PRO A 13 16.20 -12.00 -60.67
C PRO A 13 15.15 -11.33 -59.79
N SER A 14 13.87 -11.69 -60.00
CA SER A 14 12.80 -11.13 -59.18
C SER A 14 13.03 -11.45 -57.71
N ILE A 15 12.47 -10.61 -56.84
CA ILE A 15 12.59 -10.82 -55.40
C ILE A 15 11.59 -11.84 -54.89
N ASP A 16 10.53 -12.13 -55.64
CA ASP A 16 9.56 -13.13 -55.23
C ASP A 16 10.07 -14.55 -55.39
N SER A 17 11.14 -14.76 -56.16
CA SER A 17 11.65 -16.08 -56.47
C SER A 17 12.95 -16.40 -55.74
N LEU A 18 13.19 -15.76 -54.59
CA LEU A 18 14.47 -15.90 -53.90
C LEU A 18 14.48 -17.03 -52.87
N HIS A 19 13.31 -17.54 -52.47
CA HIS A 19 13.22 -18.74 -51.66
C HIS A 19 13.62 -18.52 -50.20
N TYR A 20 14.88 -18.18 -49.95
CA TYR A 20 15.42 -18.22 -48.59
C TYR A 20 15.29 -16.90 -47.84
N LEU A 21 14.97 -15.80 -48.50
CA LEU A 21 14.79 -14.54 -47.79
C LEU A 21 13.51 -14.55 -46.99
N SER A 22 13.58 -14.06 -45.76
CA SER A 22 12.39 -13.89 -44.95
C SER A 22 11.43 -12.91 -45.62
N GLU A 23 10.12 -13.21 -45.52
CA GLU A 23 9.13 -12.34 -46.14
C GLU A 23 9.30 -10.90 -45.72
N ASN A 24 9.71 -10.66 -44.47
CA ASN A 24 10.01 -9.30 -44.02
C ASN A 24 11.08 -8.68 -44.90
N SER A 25 12.27 -9.30 -44.95
CA SER A 25 13.34 -8.80 -45.79
C SER A 25 12.86 -8.61 -47.24
N LYS A 26 11.97 -9.48 -47.71
CA LYS A 26 11.43 -9.30 -49.06
C LYS A 26 10.50 -8.10 -49.12
N LYS A 27 9.63 -7.93 -48.12
CA LYS A 27 8.80 -6.73 -48.04
C LYS A 27 9.66 -5.47 -48.10
N GLU A 28 10.87 -5.52 -47.55
CA GLU A 28 11.77 -4.37 -47.62
C GLU A 28 12.29 -4.16 -49.03
N PHE A 29 12.87 -5.20 -49.63
CA PHE A 29 13.50 -5.05 -50.94
C PHE A 29 12.50 -4.65 -52.02
N LYS A 30 11.21 -4.93 -51.83
CA LYS A 30 10.22 -4.51 -52.82
C LYS A 30 9.70 -3.11 -52.57
N GLU A 31 9.85 -2.58 -51.35
CA GLU A 31 9.58 -1.17 -51.13
C GLU A 31 10.70 -0.32 -51.70
N GLU A 32 11.96 -0.75 -51.51
CA GLU A 32 13.07 -0.08 -52.17
C GLU A 32 12.93 -0.12 -53.68
N LEU A 33 12.21 -1.11 -54.22
CA LEU A 33 11.87 -1.11 -55.63
C LEU A 33 11.02 0.10 -55.99
N SER A 34 9.94 0.34 -55.23
CA SER A 34 9.03 1.43 -55.56
C SER A 34 9.76 2.76 -55.67
N LYS A 35 10.68 3.04 -54.74
CA LYS A 35 11.53 4.21 -54.87
C LYS A 35 12.46 4.03 -56.06
N ALA A 36 12.61 5.08 -56.86
CA ALA A 36 13.28 4.98 -58.16
C ALA A 36 12.68 3.82 -58.96
N GLY A 37 11.35 3.70 -58.87
CA GLY A 37 10.61 2.56 -59.40
C GLY A 37 10.95 2.18 -60.83
N GLN A 38 11.46 3.13 -61.62
CA GLN A 38 11.76 2.89 -63.02
C GLN A 38 13.16 3.32 -63.42
N GLU A 39 13.96 3.85 -62.51
CA GLU A 39 15.32 4.25 -62.86
C GLU A 39 16.08 3.05 -63.41
N SER A 40 16.64 3.21 -64.60
CA SER A 40 17.21 2.07 -65.33
C SER A 40 18.34 1.42 -64.54
N GLN A 41 19.14 2.21 -63.84
CA GLN A 41 20.37 1.71 -63.23
C GLN A 41 20.22 1.35 -61.75
N LYS A 42 19.21 1.87 -61.06
CA LYS A 42 19.02 1.55 -59.65
C LYS A 42 18.11 0.35 -59.45
N VAL A 43 17.27 0.02 -60.41
CA VAL A 43 16.50 -1.22 -60.34
C VAL A 43 17.44 -2.42 -60.39
N LYS A 44 18.68 -2.23 -60.84
CA LYS A 44 19.67 -3.31 -60.84
C LYS A 44 20.20 -3.58 -59.44
N GLU A 45 20.81 -2.56 -58.83
CA GLU A 45 21.53 -2.78 -57.57
C GLU A 45 20.63 -3.35 -56.49
N ILE A 46 19.35 -2.96 -56.46
CA ILE A 46 18.46 -3.46 -55.42
C ILE A 46 18.20 -4.95 -55.60
N LEU A 47 18.02 -5.40 -56.84
CA LEU A 47 17.88 -6.84 -57.09
C LEU A 47 19.20 -7.55 -56.85
N ALA A 48 20.31 -6.94 -57.29
CA ALA A 48 21.62 -7.56 -57.10
C ALA A 48 21.99 -7.71 -55.64
N LYS A 49 21.38 -6.91 -54.75
CA LYS A 49 21.61 -7.06 -53.31
C LYS A 49 20.55 -7.92 -52.64
N ALA A 50 19.30 -7.85 -53.09
CA ALA A 50 18.30 -8.81 -52.62
C ALA A 50 18.75 -10.23 -52.90
N GLN A 51 19.50 -10.45 -53.99
CA GLN A 51 20.07 -11.76 -54.26
C GLN A 51 21.21 -12.06 -53.30
N GLN A 52 22.23 -11.20 -53.27
CA GLN A 52 23.34 -11.40 -52.33
C GLN A 52 22.85 -11.48 -50.90
N ALA A 53 21.69 -10.88 -50.61
CA ALA A 53 21.06 -11.08 -49.31
C ALA A 53 20.45 -12.46 -49.20
N ASP A 54 20.01 -13.03 -50.33
CA ASP A 54 19.49 -14.39 -50.32
C ASP A 54 20.61 -15.42 -50.20
N LYS A 55 21.74 -15.18 -50.89
CA LYS A 55 22.90 -16.05 -50.71
C LYS A 55 23.33 -16.10 -49.26
N GLN A 56 23.29 -14.96 -48.56
CA GLN A 56 23.60 -14.96 -47.14
C GLN A 56 22.53 -15.71 -46.35
N ALA A 57 21.26 -15.48 -46.66
CA ALA A 57 20.19 -16.12 -45.91
C ALA A 57 20.29 -17.64 -45.98
N GLN A 58 20.67 -18.17 -47.15
CA GLN A 58 20.77 -19.62 -47.30
C GLN A 58 22.04 -20.17 -46.65
N GLU A 59 23.09 -19.35 -46.50
CA GLU A 59 24.23 -19.79 -45.71
C GLU A 59 23.88 -19.88 -44.22
N LEU A 60 22.88 -19.13 -43.77
CA LEU A 60 22.43 -19.23 -42.39
C LEU A 60 21.60 -20.49 -42.15
N ALA A 61 20.93 -20.99 -43.20
CA ALA A 61 20.13 -22.20 -43.05
C ALA A 61 20.99 -23.45 -42.98
N LYS A 62 22.18 -23.41 -43.56
CA LYS A 62 23.01 -24.59 -43.70
C LYS A 62 24.20 -24.62 -42.74
N MET A 63 24.41 -23.55 -41.96
CA MET A 63 25.47 -23.59 -40.96
C MET A 63 25.19 -24.71 -39.96
N LYS A 64 26.25 -25.11 -39.26
CA LYS A 64 26.17 -26.21 -38.30
C LYS A 64 26.32 -25.64 -36.90
N ILE A 65 25.22 -25.58 -36.16
CA ILE A 65 25.23 -25.11 -34.77
C ILE A 65 26.17 -25.99 -33.97
N PRO A 66 27.21 -25.44 -33.34
CA PRO A 66 28.14 -26.29 -32.58
C PRO A 66 27.43 -27.06 -31.48
N GLU A 67 28.10 -28.11 -31.00
CA GLU A 67 27.60 -28.87 -29.86
C GLU A 67 27.80 -28.06 -28.58
N LYS A 68 26.82 -28.15 -27.69
CA LYS A 68 26.82 -27.31 -26.50
C LYS A 68 27.94 -27.72 -25.54
N ILE A 69 28.82 -26.77 -25.24
CA ILE A 69 29.82 -26.96 -24.19
C ILE A 69 29.12 -26.96 -22.84
N PRO A 70 29.32 -27.97 -21.98
CA PRO A 70 28.69 -27.93 -20.65
C PRO A 70 29.40 -26.94 -19.75
N MET A 71 28.62 -26.22 -18.94
CA MET A 71 29.13 -25.08 -18.19
C MET A 71 28.76 -25.17 -16.72
N LYS A 72 29.64 -24.62 -15.89
CA LYS A 72 29.46 -24.67 -14.44
C LYS A 72 28.22 -23.88 -14.04
N PRO A 73 27.45 -24.36 -13.06
CA PRO A 73 26.24 -23.64 -12.66
C PRO A 73 26.55 -22.25 -12.16
N LEU A 74 25.57 -21.35 -12.29
CA LEU A 74 25.75 -19.98 -11.83
C LEU A 74 26.15 -19.96 -10.36
N HIS A 75 26.94 -18.96 -9.99
CA HIS A 75 27.36 -18.79 -8.61
C HIS A 75 28.02 -17.44 -8.44
N GLY A 76 27.99 -16.93 -7.22
CA GLY A 76 28.71 -15.75 -6.84
C GLY A 76 28.11 -14.52 -7.48
N PRO A 77 28.58 -13.33 -7.07
CA PRO A 77 28.08 -12.10 -7.69
C PRO A 77 28.19 -12.17 -9.21
N LEU A 78 27.06 -12.07 -9.89
CA LEU A 78 27.03 -12.17 -11.34
C LEU A 78 27.12 -10.78 -11.98
N TYR A 79 27.70 -10.73 -13.16
CA TYR A 79 27.75 -9.51 -13.95
C TYR A 79 27.25 -9.80 -15.35
N GLY A 80 26.16 -9.15 -15.73
CA GLY A 80 25.60 -9.29 -17.05
C GLY A 80 25.85 -8.04 -17.90
N GLY A 81 25.61 -8.20 -19.20
CA GLY A 81 25.70 -7.07 -20.11
C GLY A 81 24.88 -7.27 -21.36
N TYR A 82 24.30 -6.18 -21.87
CA TYR A 82 23.45 -6.22 -23.05
C TYR A 82 24.27 -5.69 -24.21
N PHE A 83 24.72 -6.59 -25.08
CA PHE A 83 25.48 -6.21 -26.26
C PHE A 83 24.51 -5.91 -27.39
N ARG A 84 24.61 -4.69 -27.92
CA ARG A 84 23.72 -4.25 -29.00
C ARG A 84 24.22 -4.83 -30.32
N THR A 85 23.41 -5.71 -30.91
CA THR A 85 23.86 -6.47 -32.08
C THR A 85 24.42 -5.58 -33.17
N TRP A 86 23.89 -4.38 -33.33
CA TRP A 86 24.28 -3.55 -34.47
C TRP A 86 25.65 -2.89 -34.27
N HIS A 87 26.30 -3.13 -33.14
CA HIS A 87 27.67 -2.68 -32.93
C HIS A 87 28.68 -3.82 -33.03
N ASP A 88 28.24 -5.01 -33.41
CA ASP A 88 29.15 -6.07 -33.79
C ASP A 88 29.65 -5.81 -35.20
N LYS A 89 30.95 -6.00 -35.41
CA LYS A 89 31.52 -5.68 -36.71
C LYS A 89 30.99 -6.56 -37.82
N THR A 90 30.31 -7.67 -37.50
CA THR A 90 29.71 -8.52 -38.50
C THR A 90 28.24 -8.22 -38.76
N SER A 91 27.62 -7.36 -37.95
CA SER A 91 26.22 -7.00 -38.18
C SER A 91 26.03 -6.47 -39.59
N ASP A 92 26.87 -5.53 -39.99
CA ASP A 92 26.80 -4.95 -41.34
C ASP A 92 28.21 -4.53 -41.73
N PRO A 93 28.98 -5.43 -42.34
CA PRO A 93 30.42 -5.17 -42.52
C PRO A 93 30.72 -3.93 -43.36
N THR A 94 29.71 -3.32 -43.99
CA THR A 94 29.96 -2.12 -44.78
C THR A 94 30.25 -0.92 -43.89
N GLU A 95 29.74 -0.92 -42.65
CA GLU A 95 30.00 0.16 -41.70
C GLU A 95 31.31 -0.16 -40.99
N LYS A 96 32.40 0.40 -41.51
CA LYS A 96 33.73 0.05 -41.03
C LYS A 96 34.12 0.80 -39.75
N ASP A 97 33.22 1.59 -39.18
CA ASP A 97 33.49 2.21 -37.88
C ASP A 97 33.00 1.37 -36.71
N LYS A 98 32.10 0.41 -36.96
CA LYS A 98 31.73 -0.58 -35.95
C LYS A 98 32.85 -1.60 -35.84
N VAL A 99 33.58 -1.58 -34.72
CA VAL A 99 34.79 -2.38 -34.57
C VAL A 99 34.70 -3.40 -33.44
N ASN A 100 33.68 -3.34 -32.59
CA ASN A 100 33.58 -4.29 -31.49
C ASN A 100 33.01 -5.62 -31.96
N SER A 101 33.19 -6.64 -31.13
CA SER A 101 32.64 -7.97 -31.40
C SER A 101 32.17 -8.56 -30.09
N MET A 102 30.96 -9.13 -30.10
CA MET A 102 30.41 -9.73 -28.89
C MET A 102 31.29 -10.84 -28.36
N GLY A 103 32.05 -11.51 -29.25
CA GLY A 103 32.92 -12.59 -28.82
C GLY A 103 34.08 -12.15 -27.95
N GLU A 104 34.39 -10.86 -27.95
CA GLU A 104 35.53 -10.35 -27.18
C GLU A 104 35.19 -10.09 -25.72
N LEU A 105 33.94 -10.28 -25.30
CA LEU A 105 33.57 -9.99 -23.93
C LEU A 105 34.38 -10.87 -22.97
N PRO A 106 34.95 -10.30 -21.91
CA PRO A 106 35.87 -11.08 -21.06
C PRO A 106 35.12 -12.03 -20.15
N LYS A 107 35.90 -12.91 -19.51
CA LYS A 107 35.33 -13.93 -18.63
C LYS A 107 34.62 -13.32 -17.42
N GLU A 108 34.87 -12.06 -17.11
CA GLU A 108 34.16 -11.41 -16.00
C GLU A 108 32.69 -11.24 -16.30
N VAL A 109 32.28 -11.32 -17.56
CA VAL A 109 30.86 -11.25 -17.92
C VAL A 109 30.27 -12.64 -17.73
N ASP A 110 29.40 -12.79 -16.72
CA ASP A 110 28.72 -14.05 -16.49
C ASP A 110 27.57 -14.25 -17.47
N LEU A 111 26.92 -13.18 -17.90
CA LEU A 111 25.75 -13.27 -18.77
C LEU A 111 25.89 -12.22 -19.87
N ALA A 112 26.00 -12.68 -21.11
CA ALA A 112 26.04 -11.81 -22.28
C ALA A 112 24.68 -11.85 -22.94
N PHE A 113 23.94 -10.75 -22.89
CA PHE A 113 22.59 -10.68 -23.44
C PHE A 113 22.66 -10.18 -24.88
N ILE A 114 22.19 -11.00 -25.81
CA ILE A 114 22.02 -10.58 -27.20
C ILE A 114 20.84 -9.62 -27.22
N PHE A 115 21.10 -8.33 -27.42
CA PHE A 115 20.04 -7.34 -27.48
C PHE A 115 19.89 -6.93 -28.94
N HIS A 116 18.83 -7.40 -29.58
CA HIS A 116 18.73 -7.36 -31.03
C HIS A 116 17.95 -6.15 -31.50
N ASP A 117 18.48 -5.50 -32.53
CA ASP A 117 17.72 -4.58 -33.36
C ASP A 117 18.64 -4.06 -34.45
N TRP A 118 18.05 -3.81 -35.60
CA TRP A 118 18.60 -3.12 -36.75
C TRP A 118 19.46 -4.08 -37.57
N THR A 119 19.78 -5.26 -37.06
CA THR A 119 20.58 -6.22 -37.78
C THR A 119 19.66 -7.09 -38.63
N LYS A 120 19.96 -7.17 -39.92
CA LYS A 120 19.06 -7.85 -40.83
C LYS A 120 19.05 -9.35 -40.59
N ASP A 121 17.86 -9.94 -40.74
CA ASP A 121 17.70 -11.38 -40.81
C ASP A 121 18.85 -12.04 -41.58
N TYR A 122 18.97 -11.72 -42.86
CA TYR A 122 20.03 -12.26 -43.71
C TYR A 122 21.45 -11.86 -43.33
N SER A 123 21.65 -11.17 -42.22
CA SER A 123 23.01 -10.82 -41.81
C SER A 123 23.78 -12.06 -41.38
N LEU A 124 25.08 -12.07 -41.67
CA LEU A 124 25.95 -13.15 -41.25
C LEU A 124 26.46 -12.96 -39.83
N PHE A 125 25.97 -11.95 -39.11
CA PHE A 125 26.24 -11.90 -37.67
C PHE A 125 25.72 -13.14 -36.97
N TRP A 126 24.62 -13.72 -37.46
CA TRP A 126 24.04 -14.88 -36.81
C TRP A 126 24.86 -16.14 -37.01
N LYS A 127 25.67 -16.20 -38.08
CA LYS A 127 26.60 -17.31 -38.23
C LYS A 127 27.87 -17.09 -37.41
N GLU A 128 28.31 -15.84 -37.26
CA GLU A 128 29.41 -15.55 -36.36
C GLU A 128 28.99 -15.82 -34.91
N LEU A 129 27.74 -15.51 -34.57
CA LEU A 129 27.28 -15.73 -33.20
C LEU A 129 27.20 -17.21 -32.89
N ALA A 130 26.48 -17.97 -33.72
CA ALA A 130 26.24 -19.38 -33.43
C ALA A 130 27.55 -20.17 -33.39
N THR A 131 28.42 -19.94 -34.38
CA THR A 131 29.55 -20.82 -34.62
C THR A 131 30.86 -20.31 -34.04
N LYS A 132 30.90 -19.10 -33.48
CA LYS A 132 32.16 -18.56 -32.98
C LYS A 132 32.02 -17.81 -31.66
N HIS A 133 30.97 -17.00 -31.51
CA HIS A 133 30.81 -16.25 -30.27
C HIS A 133 30.33 -17.14 -29.14
N VAL A 134 29.30 -17.96 -29.38
CA VAL A 134 28.82 -18.86 -28.34
C VAL A 134 29.90 -19.85 -27.91
N PRO A 135 30.56 -20.59 -28.82
CA PRO A 135 31.66 -21.46 -28.37
C PRO A 135 32.71 -20.74 -27.56
N LYS A 136 33.14 -19.54 -27.97
CA LYS A 136 34.19 -18.84 -27.25
C LYS A 136 33.72 -18.41 -25.87
N LEU A 137 32.61 -17.69 -25.80
CA LEU A 137 32.09 -17.25 -24.52
C LEU A 137 31.78 -18.43 -23.60
N ASN A 138 31.37 -19.56 -24.17
CA ASN A 138 31.03 -20.72 -23.35
C ASN A 138 32.29 -21.37 -22.76
N LYS A 139 33.38 -21.43 -23.53
CA LYS A 139 34.60 -22.05 -23.04
C LYS A 139 35.21 -21.29 -21.87
N GLN A 140 34.87 -20.01 -21.70
CA GLN A 140 35.40 -19.19 -20.61
C GLN A 140 34.44 -19.06 -19.44
N GLY A 141 33.19 -19.49 -19.58
CA GLY A 141 32.22 -19.42 -18.50
C GLY A 141 31.06 -18.48 -18.75
N THR A 142 31.03 -17.79 -19.88
CA THR A 142 30.03 -16.76 -20.15
C THR A 142 28.86 -17.38 -20.90
N ARG A 143 27.66 -17.28 -20.31
CA ARG A 143 26.45 -17.72 -20.98
C ARG A 143 25.93 -16.64 -21.92
N VAL A 144 25.33 -17.08 -23.02
CA VAL A 144 24.75 -16.19 -24.02
C VAL A 144 23.23 -16.30 -23.93
N ILE A 145 22.55 -15.16 -23.85
CA ILE A 145 21.12 -15.11 -23.61
C ILE A 145 20.47 -14.21 -24.66
N ARG A 146 19.38 -14.70 -25.25
CA ARG A 146 18.60 -13.92 -26.20
C ARG A 146 17.54 -13.13 -25.44
N THR A 147 17.46 -11.83 -25.73
CA THR A 147 16.48 -10.94 -25.11
C THR A 147 15.35 -10.69 -26.11
N ILE A 148 14.11 -10.90 -25.65
CA ILE A 148 12.96 -10.65 -26.50
C ILE A 148 11.95 -9.77 -25.75
N PRO A 149 11.14 -9.00 -26.46
CA PRO A 149 10.19 -8.13 -25.78
C PRO A 149 8.94 -8.88 -25.31
N TRP A 150 8.40 -8.38 -24.20
CA TRP A 150 7.09 -8.77 -23.69
C TRP A 150 6.11 -9.16 -24.79
N ARG A 151 6.01 -8.34 -25.84
CA ARG A 151 5.00 -8.53 -26.87
C ARG A 151 5.23 -9.77 -27.72
N PHE A 152 6.39 -10.42 -27.62
CA PHE A 152 6.59 -11.67 -28.36
C PHE A 152 5.80 -12.84 -27.78
N LEU A 153 5.24 -12.67 -26.58
CA LEU A 153 4.48 -13.73 -25.92
C LEU A 153 2.98 -13.59 -26.12
N ALA A 154 2.52 -12.62 -26.92
CA ALA A 154 1.09 -12.38 -27.09
C ALA A 154 0.91 -11.34 -28.18
N GLY A 155 -0.34 -11.04 -28.50
CA GLY A 155 -0.67 -9.96 -29.41
C GLY A 155 -0.06 -10.14 -30.80
N GLY A 156 -0.24 -9.10 -31.61
CA GLY A 156 0.14 -9.19 -33.01
C GLY A 156 0.86 -7.98 -33.58
N ASP A 157 1.01 -6.93 -32.76
CA ASP A 157 1.72 -5.72 -33.19
C ASP A 157 3.21 -5.91 -32.91
N ASN A 158 3.97 -6.14 -33.97
CA ASN A 158 5.40 -6.44 -33.87
C ASN A 158 5.68 -7.63 -32.95
N SER A 159 4.70 -8.53 -32.80
CA SER A 159 4.84 -9.70 -31.94
C SER A 159 5.69 -10.80 -32.56
N GLY A 160 6.37 -10.53 -33.66
CA GLY A 160 7.26 -11.52 -34.26
C GLY A 160 6.53 -12.79 -34.65
N ILE A 161 6.88 -13.90 -34.00
CA ILE A 161 6.33 -15.20 -34.39
C ILE A 161 4.83 -15.24 -34.12
N ALA A 162 4.38 -14.60 -33.04
CA ALA A 162 2.99 -14.67 -32.64
C ALA A 162 2.05 -13.95 -33.60
N GLU A 163 2.58 -13.19 -34.57
CA GLU A 163 1.71 -12.57 -35.57
C GLU A 163 0.95 -13.63 -36.35
N ASP A 164 1.53 -14.81 -36.52
CA ASP A 164 0.83 -15.93 -37.14
C ASP A 164 -0.21 -16.43 -36.14
N THR A 165 -1.47 -16.04 -36.34
CA THR A 165 -2.52 -16.33 -35.36
C THR A 165 -3.21 -17.66 -35.61
N SER A 166 -3.06 -18.26 -36.78
CA SER A 166 -3.65 -19.57 -37.03
C SER A 166 -2.77 -20.69 -36.52
N LYS A 167 -1.45 -20.55 -36.65
CA LYS A 167 -0.54 -21.57 -36.11
C LYS A 167 -0.48 -21.51 -34.59
N TYR A 168 -0.72 -20.33 -34.00
CA TYR A 168 -0.67 -20.13 -32.55
C TYR A 168 -1.89 -19.33 -32.11
N PRO A 169 -3.05 -19.97 -32.04
CA PRO A 169 -4.23 -19.29 -31.50
C PRO A 169 -4.09 -19.04 -30.00
N ASN A 170 -4.94 -18.16 -29.48
CA ASN A 170 -4.95 -17.86 -28.05
C ASN A 170 -5.88 -18.84 -27.35
N THR A 171 -5.35 -20.02 -27.09
CA THR A 171 -6.08 -21.07 -26.39
C THR A 171 -5.07 -21.84 -25.54
N PRO A 172 -5.56 -22.70 -24.64
CA PRO A 172 -4.61 -23.51 -23.85
C PRO A 172 -3.60 -24.25 -24.71
N GLU A 173 -4.05 -24.89 -25.79
CA GLU A 173 -3.14 -25.62 -26.66
C GLU A 173 -2.34 -24.69 -27.56
N GLY A 174 -2.93 -23.57 -27.97
CA GLY A 174 -2.19 -22.61 -28.76
C GLY A 174 -1.03 -21.98 -28.01
N ASN A 175 -1.24 -21.69 -26.72
CA ASN A 175 -0.18 -21.07 -25.94
C ASN A 175 1.00 -22.00 -25.75
N LYS A 176 0.75 -23.30 -25.59
CA LYS A 176 1.82 -24.27 -25.55
C LYS A 176 2.60 -24.29 -26.86
N ALA A 177 1.89 -24.27 -27.98
CA ALA A 177 2.54 -24.24 -29.28
C ALA A 177 3.43 -23.00 -29.42
N LEU A 178 2.96 -21.86 -28.89
CA LEU A 178 3.74 -20.64 -28.99
C LEU A 178 4.96 -20.68 -28.08
N ALA A 179 4.80 -21.20 -26.86
CA ALA A 179 5.93 -21.28 -25.93
C ALA A 179 7.03 -22.17 -26.49
N LYS A 180 6.67 -23.35 -26.97
CA LYS A 180 7.67 -24.24 -27.56
C LYS A 180 8.30 -23.61 -28.79
N ALA A 181 7.50 -22.89 -29.59
CA ALA A 181 8.03 -22.23 -30.78
C ALA A 181 8.98 -21.10 -30.41
N ILE A 182 8.68 -20.39 -29.32
CA ILE A 182 9.59 -19.33 -28.85
C ILE A 182 10.93 -19.94 -28.46
N VAL A 183 10.91 -20.86 -27.50
CA VAL A 183 12.15 -21.50 -27.05
C VAL A 183 12.90 -22.11 -28.23
N ASP A 184 12.17 -22.74 -29.16
CA ASP A 184 12.82 -23.35 -30.31
C ASP A 184 13.46 -22.30 -31.21
N GLU A 185 12.81 -21.15 -31.37
CA GLU A 185 13.33 -20.14 -32.29
C GLU A 185 14.46 -19.32 -31.67
N TYR A 186 14.33 -18.95 -30.39
CA TYR A 186 15.17 -17.93 -29.81
C TYR A 186 16.18 -18.47 -28.81
N VAL A 187 16.07 -19.74 -28.43
CA VAL A 187 17.02 -20.37 -27.51
C VAL A 187 17.78 -21.47 -28.25
N TYR A 188 17.05 -22.52 -28.65
CA TYR A 188 17.70 -23.70 -29.21
C TYR A 188 18.24 -23.50 -30.61
N LYS A 189 17.70 -22.53 -31.36
CA LYS A 189 18.12 -22.36 -32.75
C LYS A 189 19.62 -22.16 -32.86
N TYR A 190 20.22 -21.44 -31.91
CA TYR A 190 21.65 -21.20 -31.89
C TYR A 190 22.32 -21.81 -30.67
N ASN A 191 21.69 -22.80 -30.05
CA ASN A 191 22.21 -23.44 -28.85
C ASN A 191 22.64 -22.38 -27.82
N LEU A 192 21.75 -21.42 -27.60
CA LEU A 192 22.00 -20.37 -26.62
C LEU A 192 21.73 -20.91 -25.22
N ASP A 193 22.19 -20.15 -24.23
CA ASP A 193 22.19 -20.60 -22.84
C ASP A 193 20.94 -20.20 -22.07
N GLY A 194 20.03 -19.45 -22.67
CA GLY A 194 18.83 -19.05 -21.96
C GLY A 194 18.08 -17.96 -22.69
N LEU A 195 16.94 -17.61 -22.11
CA LEU A 195 16.00 -16.66 -22.68
C LEU A 195 15.70 -15.56 -21.68
N ASP A 196 15.64 -14.33 -22.16
CA ASP A 196 15.34 -13.17 -21.34
C ASP A 196 14.15 -12.43 -21.92
N VAL A 197 13.13 -12.21 -21.10
CA VAL A 197 11.90 -11.54 -21.52
C VAL A 197 11.87 -10.18 -20.83
N ALA A 198 11.94 -9.11 -21.62
CA ALA A 198 11.95 -7.75 -21.09
C ALA A 198 10.54 -7.21 -21.06
N VAL A 199 10.04 -6.93 -19.86
CA VAL A 199 8.70 -6.39 -19.68
C VAL A 199 8.83 -4.92 -19.27
N LEU A 200 8.50 -4.03 -20.19
CA LEU A 200 8.43 -2.60 -19.92
C LEU A 200 7.12 -2.06 -20.45
N HIS A 201 6.96 -0.74 -20.34
CA HIS A 201 5.87 -0.08 -21.05
C HIS A 201 6.14 0.01 -22.53
N ASP A 202 7.41 -0.03 -22.94
CA ASP A 202 7.75 0.06 -24.36
C ASP A 202 7.50 -1.26 -25.09
N SER A 203 7.57 -2.38 -24.36
CA SER A 203 7.44 -3.71 -24.96
C SER A 203 6.05 -4.31 -24.77
N ILE A 204 5.15 -3.63 -24.07
CA ILE A 204 3.84 -4.18 -23.73
C ILE A 204 3.11 -4.56 -25.01
N PRO A 205 2.30 -5.62 -25.03
CA PRO A 205 1.57 -5.97 -26.25
C PRO A 205 0.61 -4.86 -26.64
N LYS A 206 0.57 -4.56 -27.94
CA LYS A 206 -0.33 -3.58 -28.48
C LYS A 206 -1.09 -4.19 -29.65
N VAL A 207 -2.19 -3.54 -30.03
CA VAL A 207 -2.91 -3.80 -31.27
C VAL A 207 -3.59 -2.50 -31.67
N ASP A 208 -3.39 -2.07 -32.92
CA ASP A 208 -3.79 -0.74 -33.36
C ASP A 208 -3.06 0.34 -32.59
N LYS A 209 -1.83 0.03 -32.15
CA LYS A 209 -1.06 0.93 -31.29
C LYS A 209 -1.81 1.26 -29.99
N LYS A 210 -2.61 0.31 -29.52
CA LYS A 210 -3.33 0.44 -28.25
C LYS A 210 -2.93 -0.71 -27.34
N GLU A 211 -2.57 -0.37 -26.10
CA GLU A 211 -2.26 -1.41 -25.11
C GLU A 211 -3.41 -2.40 -25.03
N ASP A 212 -3.08 -3.68 -25.21
CA ASP A 212 -4.07 -4.75 -25.32
C ASP A 212 -4.15 -5.52 -24.01
N THR A 213 -5.30 -5.47 -23.35
CA THR A 213 -5.46 -6.18 -22.09
C THR A 213 -5.55 -7.68 -22.32
N ALA A 214 -6.37 -8.11 -23.29
CA ALA A 214 -6.41 -9.52 -23.66
C ALA A 214 -5.03 -10.01 -24.09
N GLY A 215 -4.20 -9.10 -24.62
CA GLY A 215 -2.83 -9.47 -24.97
C GLY A 215 -1.95 -9.64 -23.75
N VAL A 216 -2.06 -8.73 -22.78
CA VAL A 216 -1.27 -8.86 -21.56
C VAL A 216 -1.63 -10.14 -20.82
N GLU A 217 -2.91 -10.50 -20.80
CA GLU A 217 -3.32 -11.71 -20.10
C GLU A 217 -2.77 -12.96 -20.76
N ARG A 218 -2.82 -13.02 -22.10
CA ARG A 218 -2.25 -14.17 -22.79
C ARG A 218 -0.77 -14.33 -22.47
N SER A 219 -0.04 -13.21 -22.37
CA SER A 219 1.40 -13.28 -22.14
C SER A 219 1.72 -13.95 -20.80
N ILE A 220 0.85 -13.80 -19.80
CA ILE A 220 1.06 -14.49 -18.53
C ILE A 220 0.96 -16.00 -18.73
N GLN A 221 -0.02 -16.45 -19.50
CA GLN A 221 -0.17 -17.88 -19.75
C GLN A 221 0.98 -18.42 -20.57
N VAL A 222 1.40 -17.68 -21.60
CA VAL A 222 2.53 -18.13 -22.43
C VAL A 222 3.82 -18.11 -21.62
N PHE A 223 4.01 -17.10 -20.77
CA PHE A 223 5.18 -17.06 -19.92
C PHE A 223 5.25 -18.30 -19.04
N GLU A 224 4.09 -18.79 -18.59
CA GLU A 224 4.07 -19.98 -17.75
C GLU A 224 4.46 -21.23 -18.54
N GLU A 225 3.99 -21.34 -19.78
CA GLU A 225 4.33 -22.50 -20.59
C GLU A 225 5.82 -22.50 -20.95
N ILE A 226 6.38 -21.32 -21.23
CA ILE A 226 7.82 -21.23 -21.45
C ILE A 226 8.58 -21.74 -20.23
N GLY A 227 8.04 -21.48 -19.04
CA GLY A 227 8.71 -21.91 -17.82
C GLY A 227 8.64 -23.41 -17.61
N LYS A 228 7.60 -24.06 -18.14
CA LYS A 228 7.55 -25.51 -18.15
C LYS A 228 8.55 -26.14 -19.12
N LEU A 229 9.23 -25.34 -19.94
CA LEU A 229 10.23 -25.84 -20.88
C LEU A 229 11.65 -25.57 -20.44
N ILE A 230 11.93 -24.36 -19.94
CA ILE A 230 13.26 -23.97 -19.51
C ILE A 230 13.14 -23.27 -18.16
N GLY A 231 14.29 -23.05 -17.52
CA GLY A 231 14.31 -22.44 -16.22
C GLY A 231 14.15 -23.47 -15.11
N PRO A 232 14.12 -23.01 -13.86
CA PRO A 232 14.19 -23.95 -12.73
C PRO A 232 13.06 -24.95 -12.68
N LYS A 233 11.94 -24.69 -13.36
CA LYS A 233 10.79 -25.60 -13.35
C LYS A 233 10.46 -26.16 -14.72
N GLY A 234 11.44 -26.22 -15.62
CA GLY A 234 11.22 -26.70 -16.97
C GLY A 234 11.88 -28.05 -17.21
N VAL A 235 11.61 -28.60 -18.40
CA VAL A 235 12.18 -29.88 -18.76
C VAL A 235 13.69 -29.76 -18.96
N ASP A 236 14.17 -28.59 -19.35
CA ASP A 236 15.59 -28.36 -19.62
C ASP A 236 16.06 -27.22 -18.73
N LYS A 237 16.66 -27.56 -17.59
CA LYS A 237 17.07 -26.57 -16.61
C LYS A 237 18.46 -26.01 -16.87
N SER A 238 19.17 -26.53 -17.87
CA SER A 238 20.46 -25.95 -18.24
C SER A 238 20.30 -24.58 -18.88
N ARG A 239 19.13 -24.31 -19.46
CA ARG A 239 18.86 -23.02 -20.10
C ARG A 239 18.19 -22.09 -19.10
N LEU A 240 18.63 -20.84 -19.09
CA LEU A 240 18.10 -19.87 -18.14
C LEU A 240 16.81 -19.25 -18.64
N PHE A 241 15.94 -18.89 -17.70
CA PHE A 241 14.70 -18.17 -18.00
C PHE A 241 14.74 -16.89 -17.17
N ILE A 242 15.06 -15.78 -17.82
CA ILE A 242 15.30 -14.52 -17.13
C ILE A 242 14.19 -13.54 -17.50
N MET A 243 13.88 -12.65 -16.55
CA MET A 243 12.96 -11.55 -16.76
C MET A 243 13.61 -10.27 -16.29
N ASP A 244 13.59 -9.24 -17.14
CA ASP A 244 14.10 -7.92 -16.78
C ASP A 244 12.98 -6.90 -16.95
N SER A 245 12.83 -6.03 -15.96
CA SER A 245 11.68 -5.13 -15.91
C SER A 245 12.10 -3.76 -15.38
N THR A 246 11.21 -2.79 -15.55
CA THR A 246 11.28 -1.50 -14.88
C THR A 246 10.12 -1.29 -13.91
N TYR A 247 9.10 -2.15 -13.95
CA TYR A 247 7.96 -2.02 -13.06
C TYR A 247 8.36 -2.33 -11.62
N MET A 248 7.74 -1.61 -10.68
CA MET A 248 7.76 -2.05 -9.30
C MET A 248 6.97 -3.36 -9.18
N ALA A 249 7.32 -4.16 -8.18
CA ALA A 249 6.69 -5.47 -8.03
C ALA A 249 5.17 -5.35 -7.99
N ASP A 250 4.65 -4.35 -7.27
CA ASP A 250 3.20 -4.16 -7.17
C ASP A 250 2.58 -3.63 -8.46
N LYS A 251 3.34 -3.50 -9.56
CA LYS A 251 2.78 -3.10 -10.84
C LYS A 251 3.28 -3.97 -11.98
N ASN A 252 3.97 -5.08 -11.69
CA ASN A 252 4.44 -6.00 -12.72
C ASN A 252 3.37 -7.06 -12.93
N PRO A 253 2.67 -7.09 -14.07
CA PRO A 253 1.57 -8.06 -14.24
C PRO A 253 2.02 -9.50 -14.35
N LEU A 254 3.33 -9.77 -14.41
CA LEU A 254 3.83 -11.11 -14.69
C LEU A 254 4.66 -11.72 -13.56
N ILE A 255 4.86 -11.00 -12.45
CA ILE A 255 5.79 -11.49 -11.43
C ILE A 255 5.11 -12.56 -10.56
N GLU A 256 3.83 -12.40 -10.25
CA GLU A 256 3.17 -13.31 -9.32
C GLU A 256 3.17 -14.74 -9.86
N ARG A 257 2.64 -14.93 -11.06
CA ARG A 257 2.59 -16.25 -11.66
C ARG A 257 3.89 -16.61 -12.39
N GLY A 258 4.75 -15.64 -12.64
CA GLY A 258 5.97 -15.87 -13.41
C GLY A 258 7.20 -16.11 -12.55
N ALA A 259 7.27 -15.44 -11.41
CA ALA A 259 8.47 -15.49 -10.58
C ALA A 259 8.96 -16.91 -10.31
N PRO A 260 8.11 -17.89 -9.99
CA PRO A 260 8.62 -19.24 -9.68
C PRO A 260 9.28 -19.94 -10.86
N TYR A 261 9.23 -19.36 -12.07
CA TYR A 261 9.78 -20.00 -13.25
C TYR A 261 11.08 -19.37 -13.73
N ILE A 262 11.56 -18.31 -13.09
CA ILE A 262 12.73 -17.58 -13.56
C ILE A 262 13.91 -17.81 -12.62
N ASN A 263 15.10 -17.82 -13.22
CA ASN A 263 16.32 -17.91 -12.42
C ASN A 263 16.72 -16.56 -11.84
N LEU A 264 16.55 -15.49 -12.62
CA LEU A 264 17.05 -14.18 -12.25
C LEU A 264 16.03 -13.11 -12.61
N LEU A 265 15.93 -12.10 -11.76
CA LEU A 265 15.18 -10.89 -12.05
C LEU A 265 16.16 -9.74 -12.21
N LEU A 266 16.07 -9.05 -13.34
CA LEU A 266 16.94 -7.91 -13.64
C LEU A 266 16.08 -6.65 -13.65
N VAL A 267 16.27 -5.81 -12.64
CA VAL A 267 15.55 -4.54 -12.56
C VAL A 267 16.40 -3.46 -13.21
N GLN A 268 15.86 -2.71 -14.15
CA GLN A 268 16.60 -1.67 -14.79
C GLN A 268 16.32 -0.39 -14.08
N VAL A 269 17.37 0.15 -13.50
CA VAL A 269 17.28 1.32 -12.65
C VAL A 269 18.37 2.31 -13.04
N TYR A 270 18.26 2.85 -14.25
CA TYR A 270 19.24 3.80 -14.74
C TYR A 270 19.01 5.19 -14.16
N GLY A 271 20.09 5.93 -13.97
CA GLY A 271 20.00 7.33 -13.60
C GLY A 271 19.67 7.52 -12.12
N SER A 272 19.86 8.77 -11.68
CA SER A 272 19.59 9.13 -10.29
C SER A 272 18.14 8.85 -9.90
N GLN A 273 17.24 8.70 -10.87
CA GLN A 273 15.87 8.31 -10.56
C GLN A 273 15.81 6.86 -10.07
N GLY A 274 16.48 5.95 -10.79
CA GLY A 274 16.53 4.57 -10.35
C GLY A 274 17.12 4.43 -8.96
N GLU A 275 18.13 5.25 -8.65
CA GLU A 275 18.87 5.10 -7.40
C GLU A 275 18.15 5.79 -6.25
N LYS A 276 17.99 7.12 -6.34
CA LYS A 276 17.35 7.87 -5.26
C LYS A 276 15.84 7.64 -5.23
N GLY A 277 15.25 7.28 -6.36
CA GLY A 277 13.80 7.27 -6.49
C GLY A 277 13.29 8.58 -7.05
N GLY A 278 11.97 8.64 -7.21
CA GLY A 278 11.30 9.87 -7.62
C GLY A 278 10.76 10.61 -6.41
N TRP A 279 10.67 11.94 -6.54
CA TRP A 279 10.05 12.76 -5.52
C TRP A 279 8.56 12.90 -5.78
N GLU A 280 7.79 12.91 -4.70
CA GLU A 280 6.34 13.08 -4.75
C GLU A 280 5.94 14.14 -3.74
N PRO A 281 5.81 15.41 -4.17
CA PRO A 281 5.65 16.51 -3.19
C PRO A 281 4.38 16.45 -2.35
N VAL A 282 3.41 15.58 -2.65
CA VAL A 282 2.25 15.49 -1.76
C VAL A 282 2.63 14.72 -0.49
N SER A 283 3.50 13.72 -0.62
CA SER A 283 4.05 13.02 0.53
C SER A 283 5.19 13.80 1.17
N ASN A 284 5.93 14.56 0.38
CA ASN A 284 7.18 15.23 0.78
C ASN A 284 8.30 14.22 0.98
N ARG A 285 8.12 12.99 0.54
CA ARG A 285 9.11 11.93 0.63
C ARG A 285 9.29 11.30 -0.74
N PRO A 286 10.33 10.49 -0.92
CA PRO A 286 10.52 9.80 -2.19
C PRO A 286 9.73 8.50 -2.27
N GLU A 287 9.46 8.09 -3.50
CA GLU A 287 8.81 6.83 -3.78
C GLU A 287 9.52 6.15 -4.94
N LYS A 288 9.29 4.85 -5.08
CA LYS A 288 10.01 4.02 -6.06
C LYS A 288 11.51 4.09 -5.82
N THR A 289 11.91 4.08 -4.54
CA THR A 289 13.33 4.10 -4.19
C THR A 289 13.96 2.74 -4.48
N MET A 290 15.28 2.69 -4.34
CA MET A 290 15.99 1.44 -4.60
C MET A 290 15.66 0.39 -3.54
N GLU A 291 15.58 0.81 -2.27
CA GLU A 291 15.22 -0.13 -1.21
C GLU A 291 13.75 -0.52 -1.31
N GLU A 292 12.87 0.45 -1.56
CA GLU A 292 11.46 0.16 -1.71
C GLU A 292 11.20 -0.77 -2.89
N ARG A 293 11.99 -0.65 -3.96
CA ARG A 293 11.76 -1.46 -5.15
C ARG A 293 11.95 -2.94 -4.86
N TRP A 294 13.07 -3.30 -4.22
CA TRP A 294 13.33 -4.71 -3.97
C TRP A 294 12.42 -5.25 -2.87
N GLN A 295 12.14 -4.45 -1.85
CA GLN A 295 11.23 -4.90 -0.81
C GLN A 295 9.92 -5.40 -1.41
N GLY A 296 9.49 -4.80 -2.52
CA GLY A 296 8.31 -5.30 -3.21
C GLY A 296 8.55 -6.65 -3.86
N TYR A 297 9.71 -6.82 -4.50
CA TYR A 297 10.05 -8.08 -5.14
C TYR A 297 10.47 -9.16 -4.14
N SER A 298 10.87 -8.78 -2.92
CA SER A 298 11.29 -9.77 -1.94
C SER A 298 10.19 -10.78 -1.62
N LYS A 299 8.94 -10.48 -1.99
CA LYS A 299 7.85 -11.43 -1.80
C LYS A 299 7.87 -12.54 -2.83
N TYR A 300 8.53 -12.34 -3.98
CA TYR A 300 8.42 -13.27 -5.10
C TYR A 300 9.69 -14.01 -5.44
N ILE A 301 10.86 -13.48 -5.09
CA ILE A 301 12.13 -14.10 -5.42
C ILE A 301 13.09 -13.99 -4.25
N ARG A 302 14.12 -14.84 -4.27
CA ARG A 302 15.19 -14.78 -3.30
C ARG A 302 16.16 -13.67 -3.69
N PRO A 303 16.84 -13.06 -2.72
CA PRO A 303 17.75 -11.95 -3.06
C PRO A 303 18.88 -12.34 -3.99
N GLU A 304 19.35 -13.59 -3.94
CA GLU A 304 20.42 -14.02 -4.84
C GLU A 304 19.99 -14.04 -6.30
N GLN A 305 18.70 -13.86 -6.58
CA GLN A 305 18.19 -13.76 -7.95
C GLN A 305 17.98 -12.32 -8.40
N TYR A 306 18.25 -11.35 -7.53
CA TYR A 306 18.01 -9.95 -7.83
C TYR A 306 19.27 -9.32 -8.44
N MET A 307 19.09 -8.61 -9.54
CA MET A 307 20.20 -7.97 -10.24
C MET A 307 19.77 -6.58 -10.69
N ILE A 308 20.50 -5.56 -10.27
CA ILE A 308 20.20 -4.17 -10.59
C ILE A 308 21.09 -3.72 -11.74
N GLY A 309 20.53 -2.91 -12.64
CA GLY A 309 21.20 -2.56 -13.87
C GLY A 309 21.44 -1.07 -14.00
N PHE A 310 22.54 -0.72 -14.66
CA PHE A 310 22.85 0.63 -15.10
C PHE A 310 23.06 0.63 -16.61
N SER A 311 23.34 1.81 -17.17
CA SER A 311 23.52 1.97 -18.60
C SER A 311 24.81 2.73 -18.89
N PHE A 312 25.51 2.31 -19.94
CA PHE A 312 26.61 3.10 -20.47
C PHE A 312 26.05 4.19 -21.38
N TYR A 313 26.92 5.11 -21.79
CA TYR A 313 26.50 6.20 -22.64
C TYR A 313 26.34 5.70 -24.07
N GLU A 314 25.09 5.68 -24.55
CA GLU A 314 24.83 5.35 -25.94
C GLU A 314 25.10 6.56 -26.83
N GLU A 315 25.69 6.29 -28.00
CA GLU A 315 26.01 7.37 -28.92
C GLU A 315 24.76 8.13 -29.31
N ASN A 316 24.87 9.45 -29.41
CA ASN A 316 23.80 10.30 -29.92
C ASN A 316 22.52 10.16 -29.08
N ALA A 317 22.68 9.91 -27.79
CA ALA A 317 21.52 9.84 -26.91
C ALA A 317 20.89 11.22 -26.76
N GLN A 318 19.57 11.22 -26.56
CA GLN A 318 18.78 12.44 -26.44
C GLN A 318 18.12 12.49 -25.06
N GLU A 319 17.41 13.58 -24.81
CA GLU A 319 16.61 13.68 -23.58
C GLU A 319 15.71 12.46 -23.46
N GLY A 320 15.62 11.93 -22.24
CA GLY A 320 14.90 10.72 -21.98
C GLY A 320 15.74 9.46 -22.02
N ASN A 321 16.93 9.56 -22.59
CA ASN A 321 17.83 8.44 -22.67
C ASN A 321 19.22 8.79 -22.24
N LEU A 322 19.31 9.76 -21.34
CA LEU A 322 20.57 10.20 -20.74
C LEU A 322 20.51 9.90 -19.25
N TRP A 323 21.42 9.06 -18.76
CA TRP A 323 21.37 8.57 -17.40
C TRP A 323 22.56 9.00 -16.55
N TYR A 324 23.74 9.22 -17.15
CA TYR A 324 24.93 9.64 -16.42
C TYR A 324 25.29 8.61 -15.34
N ASP A 325 25.24 7.33 -15.72
CA ASP A 325 25.59 6.25 -14.80
C ASP A 325 27.09 6.01 -14.72
N ILE A 326 27.85 6.52 -15.69
CA ILE A 326 29.31 6.46 -15.65
C ILE A 326 29.83 7.89 -15.80
N ASN A 327 31.13 8.05 -15.55
CA ASN A 327 31.72 9.39 -15.47
C ASN A 327 31.60 10.12 -16.80
N SER A 328 31.49 11.44 -16.71
CA SER A 328 31.35 12.31 -17.87
C SER A 328 32.71 12.85 -18.30
N ARG A 329 32.84 13.10 -19.59
CA ARG A 329 34.02 13.79 -20.11
C ARG A 329 34.12 15.16 -19.47
N LYS A 330 35.34 15.55 -19.11
CA LYS A 330 35.57 16.90 -18.59
C LYS A 330 35.41 17.91 -19.71
N ASP A 331 34.70 19.01 -19.41
CA ASP A 331 34.36 19.98 -20.45
C ASP A 331 35.62 20.51 -21.15
N GLU A 332 36.72 20.67 -20.42
CA GLU A 332 37.96 21.12 -21.04
C GLU A 332 38.53 20.05 -21.97
N ASP A 333 38.57 18.81 -21.51
CA ASP A 333 39.16 17.71 -22.27
C ASP A 333 38.27 17.36 -23.46
N LYS A 334 38.27 18.21 -24.50
CA LYS A 334 37.34 18.08 -25.62
C LYS A 334 37.73 16.98 -26.60
N ALA A 335 38.94 16.41 -26.49
CA ALA A 335 39.38 15.35 -27.38
C ALA A 335 39.24 13.96 -26.77
N ASN A 336 39.06 13.86 -25.46
CA ASN A 336 39.11 12.57 -24.76
C ASN A 336 37.70 12.00 -24.66
N GLY A 337 37.36 11.12 -25.60
CA GLY A 337 36.09 10.44 -25.60
C GLY A 337 35.98 9.29 -24.63
N ILE A 338 37.04 8.98 -23.88
CA ILE A 338 37.14 7.75 -23.11
C ILE A 338 37.30 8.09 -21.63
N ASN A 339 36.65 7.30 -20.78
CA ASN A 339 36.86 7.35 -19.33
C ASN A 339 36.51 5.98 -18.76
N THR A 340 37.49 5.32 -18.15
CA THR A 340 37.32 3.96 -17.67
C THR A 340 37.35 3.86 -16.15
N ASP A 341 37.55 4.97 -15.44
CA ASP A 341 37.53 4.93 -13.98
C ASP A 341 36.11 4.69 -13.50
N ILE A 342 35.98 3.86 -12.47
CA ILE A 342 34.66 3.63 -11.86
C ILE A 342 34.42 4.54 -10.65
N THR A 343 35.47 5.16 -10.11
CA THR A 343 35.31 5.90 -8.86
C THR A 343 34.32 7.04 -9.04
N GLY A 344 33.35 7.12 -8.12
CA GLY A 344 32.38 8.19 -8.15
C GLY A 344 31.25 8.01 -9.14
N THR A 345 31.11 6.83 -9.72
CA THR A 345 30.04 6.57 -10.68
C THR A 345 28.87 5.89 -10.00
N ARG A 346 27.69 6.00 -10.62
CA ARG A 346 26.53 5.30 -10.11
C ARG A 346 26.68 3.80 -10.25
N ALA A 347 27.37 3.33 -11.30
CA ALA A 347 27.54 1.90 -11.51
C ALA A 347 28.39 1.28 -10.41
N GLU A 348 29.40 2.01 -9.92
CA GLU A 348 30.26 1.49 -8.87
C GLU A 348 29.53 1.43 -7.54
N ARG A 349 28.63 2.38 -7.27
CA ARG A 349 27.75 2.27 -6.12
C ARG A 349 26.80 1.09 -6.26
N TYR A 350 26.23 0.90 -7.45
CA TYR A 350 25.34 -0.24 -7.68
C TYR A 350 26.05 -1.57 -7.43
N ALA A 351 27.34 -1.65 -7.73
CA ALA A 351 28.08 -2.89 -7.51
C ALA A 351 28.23 -3.19 -6.02
N ARG A 352 28.47 -2.15 -5.21
CA ARG A 352 28.64 -2.30 -3.78
C ARG A 352 27.33 -2.31 -3.01
N TRP A 353 26.22 -1.98 -3.64
CA TRP A 353 24.94 -1.88 -2.94
C TRP A 353 24.45 -3.26 -2.51
N GLN A 354 23.88 -3.31 -1.31
CA GLN A 354 23.26 -4.51 -0.78
C GLN A 354 22.00 -4.08 -0.05
N PRO A 355 20.89 -4.80 -0.23
CA PRO A 355 19.67 -4.44 0.50
C PRO A 355 19.86 -4.59 2.00
N LYS A 356 18.97 -3.93 2.75
CA LYS A 356 19.07 -3.95 4.21
C LYS A 356 18.50 -5.23 4.80
N THR A 357 17.56 -5.88 4.10
CA THR A 357 16.87 -7.04 4.60
C THR A 357 16.97 -8.17 3.59
N GLY A 358 16.61 -9.38 4.02
CA GLY A 358 16.65 -10.54 3.14
C GLY A 358 18.03 -11.15 3.02
N GLY A 359 18.88 -10.53 2.21
CA GLY A 359 20.20 -11.07 1.97
C GLY A 359 20.86 -10.30 0.83
N VAL A 360 22.01 -10.82 0.40
CA VAL A 360 22.80 -10.09 -0.59
C VAL A 360 22.30 -10.41 -1.99
N LYS A 361 22.67 -9.55 -2.95
CA LYS A 361 22.04 -9.56 -4.26
C LYS A 361 22.79 -10.47 -5.23
N GLY A 362 22.10 -10.82 -6.31
CA GLY A 362 22.71 -11.63 -7.35
C GLY A 362 23.87 -10.94 -8.03
N GLY A 363 23.73 -9.64 -8.28
CA GLY A 363 24.79 -8.84 -8.85
C GLY A 363 24.21 -7.65 -9.59
N ILE A 364 24.90 -7.23 -10.65
CA ILE A 364 24.51 -6.06 -11.44
C ILE A 364 24.68 -6.39 -12.92
N PHE A 365 24.11 -5.52 -13.76
CA PHE A 365 24.27 -5.66 -15.20
C PHE A 365 24.31 -4.27 -15.83
N SER A 366 24.84 -4.23 -17.06
CA SER A 366 25.00 -2.98 -17.79
C SER A 366 24.34 -3.09 -19.14
N TYR A 367 23.61 -2.05 -19.54
CA TYR A 367 23.02 -2.01 -20.86
C TYR A 367 23.95 -1.29 -21.81
N ALA A 368 24.01 -1.76 -23.06
CA ALA A 368 24.91 -1.22 -24.06
C ALA A 368 26.37 -1.36 -23.61
N ILE A 369 26.74 -2.61 -23.32
CA ILE A 369 28.08 -2.89 -22.82
C ILE A 369 29.12 -2.73 -23.91
N ASP A 370 28.71 -2.72 -25.18
CA ASP A 370 29.62 -2.39 -26.26
C ASP A 370 30.11 -0.96 -26.18
N ARG A 371 29.57 -0.15 -25.26
CA ARG A 371 30.04 1.20 -25.01
C ARG A 371 30.83 1.29 -23.71
N ASP A 372 31.32 0.17 -23.20
CA ASP A 372 32.17 0.17 -22.01
C ASP A 372 33.41 1.02 -22.25
N GLY A 373 33.66 1.96 -21.34
CA GLY A 373 34.83 2.80 -21.41
C GLY A 373 34.60 4.15 -22.05
N VAL A 374 33.47 4.35 -22.72
CA VAL A 374 33.17 5.63 -23.35
C VAL A 374 32.65 6.58 -22.28
N ALA A 375 33.30 7.73 -22.14
CA ALA A 375 32.81 8.75 -21.23
C ALA A 375 31.42 9.23 -21.66
N HIS A 376 30.77 9.98 -20.77
CA HIS A 376 29.43 10.47 -21.01
C HIS A 376 29.47 11.89 -21.55
N GLN A 377 28.64 12.15 -22.55
CA GLN A 377 28.47 13.50 -23.05
C GLN A 377 28.15 14.43 -21.87
N PRO A 378 28.82 15.58 -21.76
CA PRO A 378 28.53 16.48 -20.62
C PRO A 378 27.06 16.85 -20.57
N LYS A 379 26.58 17.09 -19.34
CA LYS A 379 25.18 17.40 -19.15
C LYS A 379 24.75 18.64 -19.93
N LYS A 380 25.68 19.58 -20.15
CA LYS A 380 25.32 20.85 -20.77
C LYS A 380 24.84 20.70 -22.21
N TYR A 381 25.25 19.64 -22.90
CA TYR A 381 24.88 19.43 -24.30
C TYR A 381 23.65 18.54 -24.45
N ALA A 382 22.94 18.24 -23.36
CA ALA A 382 21.84 17.29 -23.44
C ALA A 382 20.77 17.74 -24.41
N LYS A 383 20.41 19.03 -24.36
CA LYS A 383 19.30 19.53 -25.16
C LYS A 383 19.70 19.87 -26.59
N GLN A 384 20.99 19.90 -26.91
CA GLN A 384 21.45 20.16 -28.27
C GLN A 384 21.37 18.87 -29.07
N LYS A 385 20.27 18.70 -29.82
CA LYS A 385 20.00 17.41 -30.46
C LYS A 385 21.08 17.04 -31.46
N GLU A 386 21.64 18.02 -32.16
CA GLU A 386 22.55 17.76 -33.27
C GLU A 386 24.01 18.04 -32.93
N PHE A 387 24.34 18.23 -31.65
CA PHE A 387 25.72 18.44 -31.25
C PHE A 387 26.43 17.09 -31.18
N LYS A 388 27.49 16.94 -31.97
CA LYS A 388 28.20 15.67 -32.11
C LYS A 388 29.47 15.76 -31.26
N ASP A 389 29.43 15.16 -30.07
CA ASP A 389 30.52 15.29 -29.11
C ASP A 389 31.58 14.22 -29.37
N ALA A 390 32.73 14.39 -28.72
CA ALA A 390 33.78 13.38 -28.80
C ALA A 390 33.26 12.01 -28.39
N THR A 391 32.41 11.96 -27.37
CA THR A 391 31.88 10.70 -26.86
C THR A 391 30.81 10.10 -27.76
N ASP A 392 30.45 10.75 -28.86
CA ASP A 392 29.44 10.23 -29.77
C ASP A 392 30.03 9.42 -30.91
N ASN A 393 31.35 9.31 -30.99
CA ASN A 393 31.98 8.43 -31.96
C ASN A 393 32.02 7.00 -31.43
N ILE A 394 32.35 6.07 -32.31
CA ILE A 394 32.38 4.64 -31.98
C ILE A 394 33.81 4.23 -31.68
N PHE A 395 34.00 3.55 -30.55
CA PHE A 395 35.31 3.10 -30.12
C PHE A 395 35.31 1.59 -29.92
N HIS A 396 36.51 1.01 -29.98
CA HIS A 396 36.72 -0.38 -29.61
C HIS A 396 36.99 -0.43 -28.11
N SER A 397 36.15 -1.13 -27.37
CA SER A 397 36.29 -1.21 -25.92
C SER A 397 37.04 -2.47 -25.53
N ASP A 398 37.94 -2.33 -24.57
CA ASP A 398 38.57 -3.48 -23.91
C ASP A 398 37.80 -3.91 -22.67
N TYR A 399 36.60 -3.36 -22.47
CA TYR A 399 35.71 -3.76 -21.38
C TYR A 399 36.41 -3.65 -20.02
N SER A 400 37.09 -2.53 -19.83
CA SER A 400 37.81 -2.30 -18.57
C SER A 400 36.84 -2.02 -17.42
N VAL A 401 35.80 -1.22 -17.68
CA VAL A 401 34.83 -0.91 -16.63
C VAL A 401 34.15 -2.18 -16.14
N SER A 402 33.73 -3.03 -17.08
CA SER A 402 33.06 -4.27 -16.70
C SER A 402 33.95 -5.12 -15.81
N LYS A 403 35.23 -5.26 -16.18
CA LYS A 403 36.15 -6.04 -15.37
C LYS A 403 36.33 -5.42 -13.99
N ALA A 404 36.51 -4.09 -13.94
CA ALA A 404 36.71 -3.43 -12.65
C ALA A 404 35.51 -3.63 -11.73
N LEU A 405 34.30 -3.48 -12.27
CA LEU A 405 33.09 -3.67 -11.47
C LEU A 405 32.98 -5.10 -10.98
N LYS A 406 33.17 -6.07 -11.88
CA LYS A 406 33.04 -7.47 -11.49
C LYS A 406 33.98 -7.83 -10.35
N THR A 407 35.23 -7.37 -10.42
CA THR A 407 36.17 -7.65 -9.34
C THR A 407 35.75 -6.97 -8.04
N VAL A 408 35.12 -5.80 -8.12
CA VAL A 408 34.63 -5.14 -6.91
C VAL A 408 33.71 -6.07 -6.14
N MET A 409 32.69 -6.61 -6.82
CA MET A 409 31.76 -7.52 -6.18
C MET A 409 32.46 -8.80 -5.74
N LEU A 410 33.28 -9.38 -6.63
CA LEU A 410 33.95 -10.64 -6.33
C LEU A 410 34.83 -10.55 -5.09
N LYS A 411 35.20 -9.35 -4.67
CA LYS A 411 36.12 -9.17 -3.56
C LYS A 411 35.41 -8.54 -2.36
N ASP A 412 34.12 -8.83 -2.23
CA ASP A 412 33.24 -8.28 -1.21
C ASP A 412 32.99 -9.38 -0.18
N LYS A 413 33.41 -9.15 1.06
CA LYS A 413 33.18 -10.13 2.12
C LYS A 413 31.74 -10.60 2.16
N SER A 414 30.80 -9.73 1.77
CA SER A 414 29.38 -10.08 1.81
C SER A 414 29.12 -11.44 1.18
N TYR A 415 29.88 -11.81 0.15
CA TYR A 415 29.66 -13.05 -0.60
C TYR A 415 30.55 -14.19 -0.12
N ASP A 416 31.32 -14.00 0.94
CA ASP A 416 32.08 -15.09 1.51
C ASP A 416 31.15 -16.19 1.99
N LEU A 417 31.56 -17.44 1.76
CA LEU A 417 30.68 -18.57 2.07
C LEU A 417 30.56 -18.76 3.57
N ILE A 418 29.36 -19.12 4.02
CA ILE A 418 29.17 -19.51 5.41
C ILE A 418 29.95 -20.78 5.67
N ASP A 419 30.72 -20.79 6.76
CA ASP A 419 31.64 -21.88 7.07
C ASP A 419 31.48 -22.25 8.54
N GLU A 420 32.32 -23.19 8.98
CA GLU A 420 32.23 -23.70 10.35
C GLU A 420 32.73 -22.71 11.39
N LYS A 421 33.45 -21.65 10.98
CA LYS A 421 33.79 -20.59 11.92
C LYS A 421 32.63 -19.66 12.20
N ASP A 422 31.60 -19.64 11.34
CA ASP A 422 30.33 -19.02 11.72
C ASP A 422 29.51 -19.96 12.60
N PHE A 423 29.31 -21.19 12.13
CA PHE A 423 28.52 -22.18 12.85
C PHE A 423 29.35 -23.47 12.95
N PRO A 424 30.06 -23.68 14.06
CA PRO A 424 30.88 -24.90 14.15
C PRO A 424 30.09 -26.18 14.03
N ASP A 425 28.84 -26.18 14.49
CA ASP A 425 28.00 -27.37 14.39
C ASP A 425 27.56 -27.59 12.95
N LYS A 426 27.81 -28.80 12.44
CA LYS A 426 27.43 -29.11 11.06
C LYS A 426 25.92 -29.12 10.90
N ALA A 427 25.21 -29.76 11.84
CA ALA A 427 23.76 -29.84 11.74
C ALA A 427 23.13 -28.46 11.65
N LEU A 428 23.68 -27.49 12.39
CA LEU A 428 23.18 -26.12 12.32
C LEU A 428 23.58 -25.45 11.01
N ARG A 429 24.84 -25.63 10.61
CA ARG A 429 25.33 -25.01 9.38
C ARG A 429 24.52 -25.49 8.17
N GLU A 430 24.19 -26.78 8.12
CA GLU A 430 23.44 -27.31 6.98
C GLU A 430 22.03 -26.75 6.96
N ALA A 431 21.48 -26.40 8.13
CA ALA A 431 20.12 -25.86 8.19
C ALA A 431 20.10 -24.38 7.86
N VAL A 432 21.09 -23.61 8.33
CA VAL A 432 21.20 -22.21 7.96
C VAL A 432 21.25 -22.07 6.45
N MET A 433 22.05 -22.90 5.79
CA MET A 433 22.18 -22.83 4.34
C MET A 433 20.89 -23.25 3.65
N ALA A 434 20.16 -24.20 4.23
CA ALA A 434 18.92 -24.65 3.61
C ALA A 434 17.84 -23.57 3.63
N GLN A 435 17.86 -22.70 4.64
CA GLN A 435 16.75 -21.79 4.89
C GLN A 435 17.09 -20.31 4.77
N VAL A 436 18.35 -19.93 4.92
CA VAL A 436 18.77 -18.53 4.95
C VAL A 436 19.52 -18.13 3.69
N GLY A 437 20.49 -18.95 3.28
CA GLY A 437 21.42 -18.61 2.24
C GLY A 437 22.79 -19.11 2.63
N THR A 438 23.79 -18.79 1.81
CA THR A 438 25.13 -19.33 1.99
C THR A 438 26.20 -18.26 2.12
N ARG A 439 25.81 -17.01 2.36
CA ARG A 439 26.73 -15.88 2.36
C ARG A 439 26.75 -15.24 3.74
N LYS A 440 27.93 -14.81 4.19
CA LYS A 440 28.01 -14.14 5.48
C LYS A 440 27.13 -12.89 5.50
N GLY A 441 27.05 -12.20 4.36
CA GLY A 441 26.17 -11.05 4.25
C GLY A 441 24.70 -11.37 4.48
N ASP A 442 24.31 -12.64 4.33
CA ASP A 442 22.92 -13.03 4.52
C ASP A 442 22.54 -13.09 5.99
N LEU A 443 23.52 -13.20 6.88
CA LEU A 443 23.25 -13.22 8.31
C LEU A 443 22.96 -11.83 8.84
N GLU A 444 23.64 -10.82 8.30
CA GLU A 444 23.43 -9.44 8.69
C GLU A 444 22.13 -8.86 8.15
N ARG A 445 21.39 -9.62 7.34
CA ARG A 445 20.24 -9.09 6.62
C ARG A 445 19.02 -9.99 6.61
N PHE A 446 19.16 -11.30 6.79
CA PHE A 446 18.01 -12.20 6.72
C PHE A 446 17.00 -11.85 7.80
N ASN A 447 15.76 -11.61 7.39
CA ASN A 447 14.67 -11.22 8.28
C ASN A 447 13.47 -12.13 8.12
N GLY A 448 13.70 -13.43 8.04
CA GLY A 448 12.63 -14.39 7.89
C GLY A 448 12.52 -15.33 9.07
N THR A 449 12.30 -16.61 8.77
CA THR A 449 12.08 -17.63 9.79
C THR A 449 13.18 -18.68 9.69
N LEU A 450 13.76 -19.05 10.83
CA LEU A 450 14.73 -20.12 10.91
C LEU A 450 14.20 -21.18 11.85
N ARG A 451 13.99 -22.39 11.33
CA ARG A 451 13.41 -23.49 12.11
C ARG A 451 14.48 -24.55 12.31
N LEU A 452 14.98 -24.67 13.54
CA LEU A 452 16.00 -25.64 13.90
C LEU A 452 15.32 -26.76 14.68
N ASP A 453 14.84 -27.77 13.94
CA ASP A 453 14.11 -28.88 14.54
C ASP A 453 14.83 -30.22 14.40
N ASN A 454 16.04 -30.23 13.86
CA ASN A 454 16.79 -31.47 13.74
C ASN A 454 17.54 -31.73 15.05
N PRO A 455 17.08 -32.69 15.88
CA PRO A 455 17.66 -32.82 17.23
C PRO A 455 19.14 -33.19 17.25
N ALA A 456 19.75 -33.49 16.10
CA ALA A 456 21.18 -33.76 16.08
C ALA A 456 22.03 -32.55 16.39
N ILE A 457 21.45 -31.34 16.37
CA ILE A 457 22.21 -30.12 16.63
C ILE A 457 22.78 -30.19 18.03
N GLN A 458 24.11 -30.18 18.12
CA GLN A 458 24.81 -30.29 19.40
C GLN A 458 25.15 -28.93 20.01
N SER A 459 25.20 -27.87 19.20
CA SER A 459 25.58 -26.55 19.67
C SER A 459 24.92 -25.49 18.82
N LEU A 460 24.51 -24.39 19.46
CA LEU A 460 23.91 -23.25 18.76
C LEU A 460 24.89 -22.10 18.62
N GLU A 461 26.19 -22.36 18.81
CA GLU A 461 27.21 -21.35 18.55
C GLU A 461 27.00 -20.72 17.19
N GLY A 462 27.04 -19.39 17.13
CA GLY A 462 26.98 -18.64 15.89
C GLY A 462 25.69 -17.89 15.68
N LEU A 463 24.59 -18.35 16.28
CA LEU A 463 23.30 -17.68 16.07
C LEU A 463 23.39 -16.18 16.32
N ASN A 464 24.33 -15.75 17.16
CA ASN A 464 24.53 -14.33 17.39
C ASN A 464 24.88 -13.58 16.11
N LYS A 465 25.23 -14.29 15.03
CA LYS A 465 25.53 -13.64 13.75
C LYS A 465 24.29 -13.03 13.11
N PHE A 466 23.10 -13.49 13.48
CA PHE A 466 21.87 -12.98 12.90
C PHE A 466 21.54 -11.62 13.49
N LYS A 467 21.30 -10.65 12.61
CA LYS A 467 21.04 -9.27 13.03
C LYS A 467 19.59 -8.84 12.86
N LYS A 468 18.82 -9.49 11.98
CA LYS A 468 17.48 -9.04 11.66
C LYS A 468 16.47 -10.20 11.66
N LEU A 469 16.83 -11.36 12.21
CA LEU A 469 15.96 -12.52 12.12
C LEU A 469 14.59 -12.22 12.72
N ALA A 470 13.54 -12.53 11.95
CA ALA A 470 12.19 -12.19 12.37
C ALA A 470 11.63 -13.22 13.36
N GLN A 471 11.92 -14.50 13.15
CA GLN A 471 11.42 -15.55 14.02
C GLN A 471 12.42 -16.68 14.08
N LEU A 472 12.48 -17.34 15.24
CA LEU A 472 13.40 -18.45 15.47
C LEU A 472 12.66 -19.54 16.23
N ASP A 473 12.58 -20.73 15.62
CA ASP A 473 11.91 -21.87 16.22
C ASP A 473 12.96 -22.88 16.67
N LEU A 474 13.07 -23.09 17.98
CA LEU A 474 13.92 -24.14 18.53
C LEU A 474 13.03 -25.28 18.97
N ILE A 475 13.04 -26.37 18.20
CA ILE A 475 12.08 -27.46 18.37
C ILE A 475 12.85 -28.75 18.59
N GLY A 476 12.62 -29.38 19.74
CA GLY A 476 13.11 -30.72 19.99
C GLY A 476 14.61 -30.87 20.08
N LEU A 477 15.33 -29.82 20.42
CA LEU A 477 16.79 -29.88 20.49
C LEU A 477 17.16 -30.44 21.85
N SER A 478 17.29 -31.78 21.90
CA SER A 478 17.52 -32.45 23.17
C SER A 478 18.95 -32.28 23.66
N ARG A 479 19.91 -32.04 22.75
CA ARG A 479 21.31 -31.92 23.14
C ARG A 479 21.68 -30.53 23.63
N ILE A 480 20.82 -29.53 23.40
CA ILE A 480 21.10 -28.18 23.87
C ILE A 480 20.79 -28.10 25.36
N THR A 481 21.69 -27.44 26.10
CA THR A 481 21.56 -27.33 27.55
C THR A 481 21.58 -25.90 28.07
N LYS A 482 22.08 -24.94 27.31
CA LYS A 482 22.14 -23.55 27.74
C LYS A 482 21.61 -22.64 26.64
N LEU A 483 20.84 -21.62 27.04
CA LEU A 483 20.36 -20.58 26.14
C LEU A 483 20.56 -19.24 26.81
N ASP A 484 21.36 -18.37 26.19
CA ASP A 484 21.55 -17.01 26.69
C ASP A 484 21.99 -16.12 25.54
N ARG A 485 22.43 -14.91 25.88
CA ARG A 485 22.70 -13.88 24.88
C ARG A 485 23.75 -14.32 23.87
N SER A 486 24.70 -15.17 24.29
CA SER A 486 25.83 -15.53 23.44
C SER A 486 25.49 -16.54 22.35
N VAL A 487 24.32 -17.18 22.43
CA VAL A 487 23.96 -18.23 21.48
C VAL A 487 22.58 -17.97 20.90
N LEU A 488 22.14 -16.73 20.94
CA LEU A 488 20.87 -16.31 20.37
C LEU A 488 21.11 -15.14 19.43
N PRO A 489 20.19 -14.88 18.50
CA PRO A 489 20.38 -13.74 17.59
C PRO A 489 20.64 -12.45 18.33
N ALA A 490 21.30 -11.49 17.68
CA ALA A 490 21.63 -10.23 18.32
C ALA A 490 20.43 -9.31 18.47
N ASN A 491 19.40 -9.49 17.64
CA ASN A 491 18.19 -8.68 17.74
C ASN A 491 17.22 -9.21 18.78
N MET A 492 17.67 -10.07 19.70
CA MET A 492 16.84 -10.42 20.86
C MET A 492 16.41 -9.16 21.60
N LYS A 493 17.32 -8.15 21.68
CA LYS A 493 16.98 -6.87 22.27
C LYS A 493 16.73 -5.84 21.17
N PRO A 494 15.95 -4.80 21.46
CA PRO A 494 15.70 -3.78 20.42
C PRO A 494 16.98 -3.10 19.96
N GLY A 495 16.95 -2.62 18.73
CA GLY A 495 18.09 -1.92 18.15
C GLY A 495 17.71 -1.34 16.81
N LYS A 496 18.62 -0.55 16.26
CA LYS A 496 18.44 0.09 14.98
C LYS A 496 19.38 -0.51 13.94
N ASP A 497 19.03 -0.31 12.67
CA ASP A 497 19.85 -0.82 11.59
C ASP A 497 21.25 -0.20 11.64
N THR A 498 22.25 -1.02 11.32
CA THR A 498 23.64 -0.56 11.30
C THR A 498 24.28 -0.66 9.93
N LEU A 499 23.60 -1.23 8.95
CA LEU A 499 24.13 -1.33 7.59
C LEU A 499 24.04 0.03 6.92
N GLU A 500 25.20 0.64 6.67
CA GLU A 500 25.23 1.96 6.05
C GLU A 500 25.02 1.83 4.54
N THR A 501 24.30 2.79 3.97
CA THR A 501 24.03 2.77 2.54
C THR A 501 25.22 3.29 1.76
N VAL A 502 25.43 2.71 0.57
CA VAL A 502 26.46 3.18 -0.35
C VAL A 502 25.91 4.09 -1.43
N LEU A 503 24.58 4.17 -1.57
CA LEU A 503 23.95 4.95 -2.62
C LEU A 503 23.87 6.43 -2.22
N GLU A 504 23.33 7.23 -3.13
CA GLU A 504 23.00 8.62 -2.84
C GLU A 504 21.57 8.71 -2.29
N THR A 505 21.30 9.84 -1.65
CA THR A 505 19.94 10.16 -1.21
C THR A 505 19.73 11.66 -1.26
N TYR A 506 18.84 12.19 -0.42
CA TYR A 506 18.56 13.62 -0.42
C TYR A 506 19.05 14.27 0.88
N GLU A 513 17.72 8.94 8.82
CA GLU A 513 17.36 8.12 9.98
C GLU A 513 17.48 6.64 9.65
N PRO A 514 18.00 5.83 10.58
CA PRO A 514 18.04 4.38 10.38
C PRO A 514 16.76 3.69 10.84
N ALA A 515 16.56 2.49 10.32
CA ALA A 515 15.34 1.75 10.58
C ALA A 515 15.39 1.05 11.93
N THR A 516 14.22 0.67 12.42
CA THR A 516 14.10 -0.15 13.60
C THR A 516 14.21 -1.62 13.23
N ILE A 517 14.86 -2.40 14.09
CA ILE A 517 14.97 -3.84 13.89
C ILE A 517 13.93 -4.52 14.79
N PRO A 518 12.82 -5.01 14.25
CA PRO A 518 11.86 -5.75 15.08
C PRO A 518 12.54 -6.89 15.80
N PRO A 519 12.53 -6.90 17.14
CA PRO A 519 13.15 -8.02 17.86
C PRO A 519 12.56 -9.35 17.46
N VAL A 520 13.37 -10.40 17.60
CA VAL A 520 13.01 -11.71 17.08
C VAL A 520 11.90 -12.33 17.94
N SER A 521 11.05 -13.12 17.29
CA SER A 521 10.05 -13.93 17.98
C SER A 521 10.66 -15.29 18.28
N LEU A 522 10.74 -15.64 19.55
CA LEU A 522 11.44 -16.84 20.00
C LEU A 522 10.41 -17.91 20.39
N LYS A 523 10.25 -18.90 19.52
CA LYS A 523 9.45 -20.08 19.81
C LYS A 523 10.37 -21.20 20.25
N VAL A 524 10.11 -21.77 21.42
CA VAL A 524 10.94 -22.83 21.98
C VAL A 524 10.03 -23.95 22.47
N SER A 525 10.34 -25.18 22.07
CA SER A 525 9.51 -26.32 22.42
C SER A 525 10.34 -27.60 22.33
N GLY A 526 10.18 -28.47 23.31
CA GLY A 526 10.78 -29.79 23.25
C GLY A 526 12.26 -29.84 23.54
N LEU A 527 12.84 -28.80 24.13
CA LEU A 527 14.24 -28.82 24.56
C LEU A 527 14.30 -29.51 25.92
N THR A 528 14.17 -30.83 25.88
CA THR A 528 14.11 -31.62 27.12
C THR A 528 15.45 -31.61 27.86
N GLY A 529 16.55 -31.39 27.16
CA GLY A 529 17.85 -31.32 27.78
C GLY A 529 18.24 -29.95 28.27
N LEU A 530 17.36 -28.96 28.16
CA LEU A 530 17.71 -27.59 28.48
C LEU A 530 17.73 -27.40 29.99
N LYS A 531 18.85 -26.88 30.50
CA LYS A 531 19.04 -26.70 31.94
C LYS A 531 18.98 -25.25 32.39
N GLU A 532 19.52 -24.31 31.61
CA GLU A 532 19.58 -22.91 31.99
C GLU A 532 18.98 -22.05 30.88
N LEU A 533 18.15 -21.09 31.28
CA LEU A 533 17.54 -20.13 30.36
C LEU A 533 17.78 -18.74 30.90
N ASP A 534 18.55 -17.93 30.18
CA ASP A 534 18.93 -16.57 30.58
C ASP A 534 18.47 -15.60 29.51
N LEU A 535 17.32 -14.95 29.74
CA LEU A 535 16.76 -13.96 28.82
C LEU A 535 16.76 -12.56 29.42
N SER A 536 17.67 -12.30 30.36
CA SER A 536 17.67 -11.03 31.08
C SER A 536 18.23 -9.90 30.22
N GLY A 537 17.66 -8.71 30.41
CA GLY A 537 18.17 -7.51 29.78
C GLY A 537 17.92 -7.39 28.30
N PHE A 538 16.84 -7.99 27.80
CA PHE A 538 16.50 -7.96 26.38
C PHE A 538 15.29 -7.09 26.08
N ASP A 539 14.64 -6.54 27.09
CA ASP A 539 13.41 -5.76 26.89
C ASP A 539 12.41 -6.56 26.05
N ARG A 540 12.27 -7.85 26.37
CA ARG A 540 11.29 -8.69 25.69
C ARG A 540 9.89 -8.27 26.08
N GLU A 541 8.97 -8.36 25.12
CA GLU A 541 7.59 -7.94 25.35
C GLU A 541 6.73 -9.08 25.89
N THR A 542 6.95 -10.31 25.43
CA THR A 542 6.18 -11.45 25.91
C THR A 542 7.08 -12.68 25.93
N LEU A 543 6.57 -13.73 26.56
CA LEU A 543 7.21 -15.04 26.55
C LEU A 543 6.61 -15.98 25.51
N ALA A 544 5.56 -15.56 24.82
CA ALA A 544 4.89 -16.40 23.83
C ALA A 544 5.91 -17.11 22.95
N GLY A 545 5.69 -18.41 22.75
CA GLY A 545 6.63 -19.27 22.06
C GLY A 545 7.30 -20.29 22.96
N LEU A 546 7.36 -20.02 24.27
CA LEU A 546 7.99 -20.92 25.24
C LEU A 546 6.99 -21.97 25.66
N ASP A 547 7.20 -23.22 25.22
CA ASP A 547 6.38 -24.34 25.64
C ASP A 547 6.99 -24.91 26.92
N ALA A 548 6.73 -24.22 28.03
CA ALA A 548 7.37 -24.55 29.29
C ALA A 548 7.06 -25.97 29.75
N ALA A 549 5.92 -26.52 29.33
CA ALA A 549 5.56 -27.89 29.69
C ALA A 549 6.52 -28.91 29.09
N THR A 550 7.39 -28.50 28.16
CA THR A 550 8.34 -29.41 27.54
C THR A 550 9.76 -29.23 28.05
N LEU A 551 10.10 -28.07 28.58
CA LEU A 551 11.42 -27.84 29.17
C LEU A 551 11.50 -28.57 30.52
N THR A 552 11.62 -29.89 30.47
CA THR A 552 11.45 -30.74 31.65
C THR A 552 12.69 -30.81 32.52
N SER A 553 13.87 -30.51 31.97
CA SER A 553 15.12 -30.56 32.72
C SER A 553 15.62 -29.17 33.11
N LEU A 554 14.73 -28.18 33.14
CA LEU A 554 15.13 -26.81 33.45
C LEU A 554 15.52 -26.70 34.92
N GLU A 555 16.67 -26.07 35.18
CA GLU A 555 17.18 -25.90 36.53
C GLU A 555 17.53 -24.46 36.90
N LYS A 556 17.69 -23.57 35.92
CA LYS A 556 18.05 -22.19 36.19
C LYS A 556 17.35 -21.32 35.16
N VAL A 557 16.70 -20.25 35.61
CA VAL A 557 15.92 -19.39 34.72
C VAL A 557 16.06 -17.94 35.19
N ASP A 558 16.17 -17.03 34.22
CA ASP A 558 16.33 -15.61 34.53
C ASP A 558 15.66 -14.81 33.41
N ILE A 559 14.60 -14.09 33.75
CA ILE A 559 13.86 -13.31 32.77
C ILE A 559 13.69 -11.88 33.28
N SER A 560 14.60 -11.45 34.15
CA SER A 560 14.52 -10.12 34.74
C SER A 560 15.02 -9.06 33.76
N GLY A 561 14.60 -7.82 34.01
CA GLY A 561 15.05 -6.72 33.19
C GLY A 561 14.41 -6.67 31.81
N ASN A 562 13.18 -7.14 31.69
CA ASN A 562 12.45 -7.07 30.42
C ASN A 562 11.19 -6.21 30.57
N LYS A 563 10.28 -6.31 29.62
CA LYS A 563 9.01 -5.59 29.68
C LYS A 563 7.85 -6.58 29.76
N LEU A 564 7.94 -7.53 30.70
CA LEU A 564 6.96 -8.61 30.80
C LEU A 564 5.92 -8.29 31.86
N ASP A 565 4.66 -8.58 31.55
CA ASP A 565 3.55 -8.44 32.50
C ASP A 565 3.33 -9.80 33.16
N LEU A 566 3.87 -9.96 34.37
CA LEU A 566 3.83 -11.23 35.09
C LEU A 566 2.69 -11.31 36.09
N ALA A 567 1.61 -10.57 35.87
CA ALA A 567 0.47 -10.63 36.78
C ALA A 567 -0.19 -12.00 36.70
N PRO A 568 -0.88 -12.42 37.76
CA PRO A 568 -1.58 -13.71 37.71
C PRO A 568 -2.68 -13.70 36.66
N GLY A 569 -2.94 -14.88 36.10
CA GLY A 569 -3.92 -15.04 35.05
C GLY A 569 -3.38 -14.83 33.65
N THR A 570 -2.22 -14.20 33.51
CA THR A 570 -1.64 -13.92 32.21
C THR A 570 -0.95 -15.16 31.66
N GLU A 571 -0.80 -15.19 30.33
CA GLU A 571 -0.02 -16.26 29.72
C GLU A 571 1.44 -16.19 30.13
N ASN A 572 1.98 -14.98 30.33
CA ASN A 572 3.35 -14.85 30.81
C ASN A 572 3.51 -15.51 32.18
N ARG A 573 2.59 -15.26 33.09
CA ARG A 573 2.70 -15.84 34.43
C ARG A 573 2.61 -17.36 34.40
N GLN A 574 1.84 -17.92 33.47
CA GLN A 574 1.66 -19.37 33.47
C GLN A 574 2.90 -20.06 32.90
N ILE A 575 3.51 -19.48 31.86
CA ILE A 575 4.80 -19.96 31.38
C ILE A 575 5.82 -19.90 32.51
N PHE A 576 5.76 -18.85 33.33
CA PHE A 576 6.68 -18.69 34.44
C PHE A 576 6.38 -19.71 35.53
N ASP A 577 5.11 -19.81 35.93
CA ASP A 577 4.72 -20.79 36.94
C ASP A 577 5.16 -22.20 36.54
N THR A 578 4.99 -22.55 35.27
CA THR A 578 5.37 -23.88 34.81
C THR A 578 6.87 -24.11 34.97
N MET A 579 7.68 -23.16 34.49
CA MET A 579 9.13 -23.30 34.64
C MET A 579 9.52 -23.31 36.10
N LEU A 580 8.85 -22.51 36.93
CA LEU A 580 9.14 -22.50 38.35
C LEU A 580 8.78 -23.84 38.99
N SER A 581 7.73 -24.50 38.51
CA SER A 581 7.37 -25.81 39.04
C SER A 581 8.39 -26.88 38.65
N THR A 582 8.92 -26.80 37.43
CA THR A 582 9.93 -27.76 36.99
C THR A 582 11.23 -27.57 37.78
N ILE A 583 11.69 -26.33 37.91
CA ILE A 583 12.90 -26.03 38.66
C ILE A 583 12.74 -26.36 40.13
N SER A 584 11.52 -26.42 40.63
CA SER A 584 11.28 -26.73 42.04
C SER A 584 11.32 -28.22 42.34
N ASN A 585 11.39 -29.07 41.32
CA ASN A 585 11.60 -30.50 41.51
C ASN A 585 13.03 -30.94 41.20
N HIS A 586 13.87 -30.03 40.70
CA HIS A 586 15.23 -30.36 40.30
C HIS A 586 16.28 -29.81 41.27
N VAL A 587 16.26 -28.51 41.57
CA VAL A 587 17.29 -27.95 42.44
C VAL A 587 16.70 -27.01 43.50
N GLY A 588 15.41 -26.73 43.43
CA GLY A 588 14.84 -25.78 44.37
C GLY A 588 14.78 -24.34 43.89
N SER A 589 13.66 -23.66 44.14
CA SER A 589 13.55 -22.25 43.81
C SER A 589 14.25 -21.40 44.87
N ASN A 590 15.07 -20.46 44.43
CA ASN A 590 15.75 -19.54 45.34
C ASN A 590 16.23 -18.34 44.55
N GLU A 591 16.84 -17.38 45.27
CA GLU A 591 17.22 -16.10 44.68
C GLU A 591 18.24 -16.24 43.56
N GLN A 592 18.91 -17.38 43.48
CA GLN A 592 19.93 -17.61 42.45
C GLN A 592 19.42 -18.39 41.25
N THR A 593 18.47 -19.31 41.46
CA THR A 593 17.97 -20.15 40.39
C THR A 593 16.79 -19.52 39.64
N VAL A 594 16.14 -18.51 40.22
CA VAL A 594 14.96 -17.89 39.63
C VAL A 594 15.10 -16.38 39.75
N LYS A 595 14.97 -15.68 38.63
CA LYS A 595 15.06 -14.22 38.60
C LYS A 595 14.02 -13.69 37.63
N PHE A 596 13.42 -12.55 37.98
CA PHE A 596 12.24 -12.07 37.28
C PHE A 596 11.97 -10.58 37.46
N ASP A 597 12.66 -9.95 38.41
CA ASP A 597 12.35 -8.57 38.77
C ASP A 597 12.76 -7.61 37.64
N LYS A 598 12.60 -6.31 37.91
CA LYS A 598 12.99 -5.25 36.98
C LYS A 598 12.22 -5.35 35.67
N GLN A 599 10.90 -5.47 35.78
CA GLN A 599 10.03 -5.48 34.60
C GLN A 599 9.52 -4.08 34.32
N LYS A 600 9.39 -3.74 33.04
CA LYS A 600 8.82 -2.47 32.60
C LYS A 600 7.81 -2.73 31.50
N PRO A 601 6.65 -3.27 31.84
CA PRO A 601 5.66 -3.60 30.80
C PRO A 601 5.26 -2.37 29.99
N THR A 602 4.94 -2.60 28.73
CA THR A 602 4.58 -1.53 27.81
C THR A 602 3.09 -1.23 27.94
N GLY A 603 2.76 0.03 28.20
CA GLY A 603 1.37 0.45 28.27
C GLY A 603 0.83 0.77 26.89
N HIS A 604 -0.30 0.15 26.54
CA HIS A 604 -0.95 0.36 25.26
C HIS A 604 -2.30 1.02 25.47
N TYR A 605 -2.86 1.52 24.36
CA TYR A 605 -4.25 1.97 24.39
C TYR A 605 -5.17 0.76 24.28
N PRO A 606 -6.26 0.70 25.04
CA PRO A 606 -7.21 -0.39 24.87
C PRO A 606 -7.89 -0.33 23.51
N ASP A 607 -8.31 -1.51 23.02
CA ASP A 607 -9.14 -1.55 21.82
C ASP A 607 -10.54 -0.99 22.11
N THR A 608 -11.04 -1.21 23.32
CA THR A 608 -12.34 -0.71 23.72
C THR A 608 -12.27 -0.17 25.15
N TYR A 609 -13.28 0.61 25.51
CA TYR A 609 -13.39 1.18 26.84
C TYR A 609 -14.76 0.84 27.41
N GLY A 610 -14.83 0.67 28.72
CA GLY A 610 -16.02 0.11 29.34
C GLY A 610 -17.05 1.13 29.79
N LYS A 611 -16.66 2.39 29.92
CA LYS A 611 -17.56 3.42 30.43
C LYS A 611 -18.39 3.93 29.25
N THR A 612 -19.52 3.29 29.01
CA THR A 612 -20.38 3.61 27.87
C THR A 612 -21.53 4.53 28.23
N SER A 613 -21.74 4.81 29.52
CA SER A 613 -22.80 5.73 29.94
C SER A 613 -22.41 6.34 31.27
N LEU A 614 -22.70 7.63 31.42
CA LEU A 614 -22.42 8.37 32.63
C LEU A 614 -23.65 9.18 33.00
N ARG A 615 -24.21 8.90 34.17
CA ARG A 615 -25.46 9.52 34.61
C ARG A 615 -25.16 10.47 35.76
N LEU A 616 -25.60 11.72 35.61
CA LEU A 616 -25.34 12.76 36.60
C LEU A 616 -26.64 13.44 36.99
N PRO A 617 -26.70 14.01 38.20
CA PRO A 617 -27.82 14.88 38.55
C PRO A 617 -27.69 16.25 37.90
N VAL A 618 -28.80 16.97 37.90
CA VAL A 618 -28.82 18.35 37.38
C VAL A 618 -28.30 19.25 38.49
N ALA A 619 -27.02 19.64 38.38
CA ALA A 619 -26.38 20.53 39.34
C ALA A 619 -25.53 21.52 38.57
N ASN A 620 -25.04 22.53 39.29
CA ASN A 620 -24.22 23.58 38.68
C ASN A 620 -22.73 23.25 38.78
N GLU A 621 -22.38 22.02 38.41
CA GLU A 621 -21.00 21.56 38.48
C GLU A 621 -20.40 21.57 37.07
N LYS A 622 -19.28 20.87 36.90
CA LYS A 622 -18.55 20.83 35.64
C LYS A 622 -17.78 19.51 35.62
N VAL A 623 -17.88 18.77 34.52
CA VAL A 623 -17.19 17.49 34.39
C VAL A 623 -16.17 17.58 33.26
N ASP A 624 -15.05 16.90 33.45
CA ASP A 624 -14.07 16.68 32.39
C ASP A 624 -14.43 15.38 31.69
N LEU A 625 -14.96 15.48 30.47
CA LEU A 625 -15.47 14.30 29.78
C LEU A 625 -14.36 13.29 29.52
N GLN A 626 -13.18 13.76 29.14
CA GLN A 626 -12.06 12.86 28.88
C GLN A 626 -11.79 11.97 30.09
N SER A 627 -11.58 12.58 31.25
CA SER A 627 -11.18 11.82 32.43
C SER A 627 -12.27 10.89 32.93
N GLN A 628 -13.54 11.15 32.59
CA GLN A 628 -14.65 10.38 33.13
C GLN A 628 -15.20 9.33 32.17
N LEU A 629 -14.77 9.33 30.92
CA LEU A 629 -15.26 8.37 29.92
C LEU A 629 -14.14 7.66 29.18
N LEU A 630 -13.05 8.35 28.88
CA LEU A 630 -11.93 7.78 28.13
C LEU A 630 -10.71 7.73 29.05
N PHE A 631 -10.23 6.52 29.34
CA PHE A 631 -9.14 6.35 30.29
C PHE A 631 -8.69 4.90 30.25
N GLY A 632 -7.51 4.67 30.80
CA GLY A 632 -7.04 3.31 31.04
C GLY A 632 -5.86 2.92 30.17
N THR A 633 -4.93 2.17 30.76
CA THR A 633 -3.80 1.60 30.06
C THR A 633 -3.82 0.09 30.24
N VAL A 634 -3.52 -0.62 29.15
CA VAL A 634 -3.57 -2.08 29.16
C VAL A 634 -2.24 -2.63 28.66
N THR A 635 -1.80 -3.73 29.26
CA THR A 635 -0.60 -4.41 28.81
C THR A 635 -0.95 -5.37 27.66
N ASN A 636 0.08 -5.93 27.03
CA ASN A 636 -0.18 -6.88 25.96
C ASN A 636 -0.66 -8.23 26.47
N GLN A 637 -0.83 -8.38 27.78
CA GLN A 637 -1.43 -9.57 28.37
C GLN A 637 -2.90 -9.37 28.73
N GLY A 638 -3.40 -8.14 28.65
CA GLY A 638 -4.80 -7.86 28.89
C GLY A 638 -5.15 -7.34 30.26
N THR A 639 -4.16 -6.97 31.08
CA THR A 639 -4.44 -6.40 32.40
C THR A 639 -4.73 -4.91 32.24
N LEU A 640 -5.94 -4.50 32.61
CA LEU A 640 -6.36 -3.12 32.45
C LEU A 640 -6.04 -2.35 33.73
N ILE A 641 -5.28 -1.27 33.59
CA ILE A 641 -5.01 -0.33 34.68
C ILE A 641 -5.72 0.98 34.33
N ASN A 642 -6.66 1.39 35.18
CA ASN A 642 -7.48 2.57 34.92
C ASN A 642 -7.14 3.76 35.82
N SER A 643 -6.21 3.61 36.74
CA SER A 643 -5.90 4.69 37.67
C SER A 643 -4.54 4.44 38.30
N GLU A 644 -4.03 5.48 38.97
CA GLU A 644 -2.81 5.31 39.77
C GLU A 644 -3.03 4.32 40.91
N ALA A 645 -4.28 4.08 41.30
CA ALA A 645 -4.55 3.12 42.36
C ALA A 645 -4.35 1.69 41.86
N ASP A 646 -4.89 1.37 40.69
CA ASP A 646 -4.72 0.03 40.14
C ASP A 646 -3.25 -0.30 39.93
N TYR A 647 -2.46 0.69 39.51
CA TYR A 647 -1.04 0.44 39.24
C TYR A 647 -0.28 0.17 40.53
N LYS A 648 -0.76 0.68 41.68
CA LYS A 648 -0.12 0.32 42.94
C LYS A 648 -0.56 -1.06 43.40
N ALA A 649 -1.80 -1.45 43.12
CA ALA A 649 -2.17 -2.86 43.29
C ALA A 649 -1.34 -3.75 42.37
N TYR A 650 -0.88 -3.20 41.25
CA TYR A 650 -0.07 -3.96 40.30
C TYR A 650 1.36 -4.11 40.80
N GLN A 651 1.99 -3.00 41.19
CA GLN A 651 3.29 -3.07 41.84
C GLN A 651 3.26 -3.98 43.07
N ASN A 652 2.07 -4.23 43.63
CA ASN A 652 1.93 -5.05 44.83
C ASN A 652 1.92 -6.54 44.53
N HIS A 653 1.70 -6.94 43.28
CA HIS A 653 1.78 -8.35 42.92
C HIS A 653 3.17 -8.89 43.24
N LYS A 654 3.23 -9.93 44.06
CA LYS A 654 4.48 -10.47 44.55
C LYS A 654 4.71 -11.88 44.00
N ILE A 655 5.94 -12.15 43.59
CA ILE A 655 6.40 -13.48 43.19
C ILE A 655 7.55 -13.86 44.11
N ALA A 656 7.45 -15.05 44.71
CA ALA A 656 8.45 -15.50 45.67
C ALA A 656 8.71 -14.47 46.75
N GLY A 657 7.69 -13.65 47.04
CA GLY A 657 7.75 -12.70 48.14
C GLY A 657 8.05 -11.26 47.74
N ARG A 658 8.50 -11.03 46.52
CA ARG A 658 8.88 -9.69 46.08
C ARG A 658 8.20 -9.38 44.75
N SER A 659 8.12 -8.09 44.43
CA SER A 659 7.48 -7.64 43.21
C SER A 659 8.37 -7.86 41.99
N PHE A 660 7.76 -7.79 40.81
CA PHE A 660 8.49 -7.92 39.56
C PHE A 660 8.62 -6.60 38.81
N VAL A 661 7.90 -5.57 39.20
CA VAL A 661 7.97 -4.28 38.53
C VAL A 661 9.21 -3.54 39.02
N ASP A 662 9.93 -2.91 38.08
CA ASP A 662 11.10 -2.14 38.44
C ASP A 662 10.74 -1.03 39.44
N SER A 663 11.59 -0.85 40.44
CA SER A 663 11.35 0.14 41.47
C SER A 663 11.33 1.57 40.93
N ASN A 664 11.79 1.78 39.70
CA ASN A 664 11.88 3.11 39.11
C ASN A 664 10.79 3.36 38.06
N TYR A 665 9.87 2.41 37.88
CA TYR A 665 8.86 2.49 36.83
C TYR A 665 7.55 2.92 37.48
N HIS A 666 7.27 4.23 37.43
CA HIS A 666 6.11 4.79 38.10
C HIS A 666 4.91 4.83 37.15
N TYR A 667 3.74 5.14 37.72
CA TYR A 667 2.53 5.22 36.93
C TYR A 667 2.65 6.24 35.80
N ASN A 668 3.42 7.32 36.02
CA ASN A 668 3.61 8.31 34.98
C ASN A 668 4.30 7.71 33.76
N ASN A 669 5.25 6.78 33.99
CA ASN A 669 5.97 6.18 32.88
C ASN A 669 5.11 5.17 32.14
N PHE A 670 4.38 4.34 32.89
CA PHE A 670 3.55 3.30 32.28
C PHE A 670 2.35 3.90 31.56
N LYS A 671 1.76 4.94 32.14
CA LYS A 671 0.50 5.50 31.64
C LYS A 671 0.63 5.98 30.21
N VAL A 672 -0.47 5.85 29.46
CA VAL A 672 -0.60 6.44 28.13
C VAL A 672 -1.35 7.76 28.27
N SER A 673 -0.90 8.77 27.53
CA SER A 673 -1.45 10.11 27.66
C SER A 673 -2.67 10.28 26.75
N TYR A 674 -3.68 10.97 27.28
CA TYR A 674 -4.92 11.22 26.53
C TYR A 674 -5.12 12.66 26.14
N GLU A 675 -4.15 13.54 26.41
CA GLU A 675 -4.12 14.81 25.72
C GLU A 675 -3.94 14.57 24.23
N ASN A 676 -4.36 15.55 23.43
CA ASN A 676 -4.33 15.47 21.97
C ASN A 676 -5.54 14.70 21.44
N TYR A 677 -6.20 13.93 22.30
CA TYR A 677 -7.46 13.31 21.92
C TYR A 677 -8.56 14.37 21.92
N THR A 678 -9.30 14.44 20.82
CA THR A 678 -10.37 15.42 20.69
C THR A 678 -11.70 14.79 21.09
N VAL A 679 -12.75 15.60 21.06
CA VAL A 679 -14.07 15.21 21.56
C VAL A 679 -15.13 15.82 20.66
N LYS A 680 -16.25 15.11 20.52
CA LYS A 680 -17.36 15.54 19.68
C LYS A 680 -18.66 15.23 20.44
N VAL A 681 -19.14 16.22 21.18
CA VAL A 681 -20.37 16.09 21.97
C VAL A 681 -21.56 16.44 21.08
N THR A 682 -22.66 15.71 21.29
CA THR A 682 -23.89 15.92 20.52
C THR A 682 -25.06 15.78 21.47
N ASP A 683 -25.81 16.87 21.68
CA ASP A 683 -26.97 16.82 22.56
C ASP A 683 -28.15 16.16 21.85
N SER A 684 -29.29 16.07 22.56
CA SER A 684 -30.44 15.34 22.02
C SER A 684 -31.10 16.06 20.86
N THR A 685 -30.88 17.37 20.72
CA THR A 685 -31.37 18.11 19.57
C THR A 685 -30.34 18.16 18.43
N LEU A 686 -29.26 17.40 18.55
CA LEU A 686 -28.18 17.35 17.57
C LEU A 686 -27.38 18.65 17.50
N GLY A 687 -27.43 19.47 18.55
CA GLY A 687 -26.43 20.50 18.70
C GLY A 687 -25.07 19.89 18.94
N THR A 688 -24.03 20.59 18.50
CA THR A 688 -22.66 20.06 18.58
C THR A 688 -21.74 21.04 19.29
N THR A 689 -20.89 20.49 20.15
CA THR A 689 -19.78 21.20 20.77
C THR A 689 -18.52 20.33 20.65
N THR A 690 -17.41 20.84 21.15
CA THR A 690 -16.14 20.11 21.11
C THR A 690 -15.31 20.37 22.36
N ASP A 691 -15.96 20.64 23.49
CA ASP A 691 -15.28 20.96 24.73
C ASP A 691 -15.19 19.72 25.61
N LYS A 692 -13.96 19.37 26.02
CA LYS A 692 -13.79 18.31 27.01
C LYS A 692 -14.59 18.62 28.28
N THR A 693 -14.83 19.89 28.56
CA THR A 693 -15.58 20.30 29.74
C THR A 693 -17.05 20.42 29.40
N LEU A 694 -17.90 19.86 30.26
CA LEU A 694 -19.34 19.89 30.09
C LEU A 694 -19.98 20.45 31.36
N ALA A 695 -21.09 21.16 31.18
CA ALA A 695 -21.81 21.79 32.28
C ALA A 695 -23.10 21.02 32.54
N THR A 696 -23.25 20.54 33.77
CA THR A 696 -24.44 19.80 34.16
C THR A 696 -25.56 20.72 34.63
N ASP A 697 -25.50 22.01 34.29
CA ASP A 697 -26.53 22.96 34.71
C ASP A 697 -27.82 22.78 33.92
N LYS A 698 -27.76 22.19 32.73
CA LYS A 698 -28.91 21.97 31.87
C LYS A 698 -29.20 20.48 31.79
N GLU A 699 -30.45 20.10 32.04
CA GLU A 699 -30.87 18.72 31.85
C GLU A 699 -30.90 18.41 30.36
N GLU A 700 -30.11 17.42 29.95
CA GLU A 700 -29.94 17.10 28.54
C GLU A 700 -29.22 15.75 28.46
N THR A 701 -29.35 15.11 27.30
CA THR A 701 -28.69 13.84 27.03
C THR A 701 -27.73 14.03 25.86
N TYR A 702 -26.47 13.67 26.07
CA TYR A 702 -25.42 13.89 25.09
C TYR A 702 -24.83 12.55 24.64
N LYS A 703 -24.44 12.50 23.37
CA LYS A 703 -23.58 11.45 22.85
C LYS A 703 -22.18 12.03 22.67
N VAL A 704 -21.19 11.34 23.21
CA VAL A 704 -19.80 11.80 23.18
C VAL A 704 -18.99 10.79 22.39
N ASP A 705 -18.29 11.28 21.36
CA ASP A 705 -17.34 10.48 20.60
C ASP A 705 -15.94 11.03 20.85
N PHE A 706 -14.99 10.14 21.10
CA PHE A 706 -13.60 10.51 21.26
C PHE A 706 -12.82 10.08 20.02
N PHE A 707 -11.76 10.84 19.72
CA PHE A 707 -10.99 10.63 18.51
C PHE A 707 -9.51 10.68 18.82
N SER A 708 -8.75 9.78 18.19
CA SER A 708 -7.31 9.78 18.32
C SER A 708 -6.69 10.86 17.43
N PRO A 709 -5.52 11.39 17.80
CA PRO A 709 -4.87 12.36 16.91
C PRO A 709 -4.60 11.82 15.52
N ALA A 710 -4.44 10.51 15.37
CA ALA A 710 -4.12 9.91 14.08
C ALA A 710 -5.32 9.78 13.16
N ASP A 711 -6.53 10.09 13.64
CA ASP A 711 -7.74 9.90 12.85
C ASP A 711 -8.86 10.72 13.45
N LYS A 712 -9.54 11.50 12.62
CA LYS A 712 -10.67 12.33 13.05
C LYS A 712 -11.97 11.95 12.36
N THR A 713 -12.08 10.71 11.85
CA THR A 713 -13.34 10.27 11.26
C THR A 713 -13.82 8.97 11.90
N LYS A 714 -12.90 8.10 12.28
CA LYS A 714 -13.23 6.88 13.00
C LYS A 714 -12.98 7.10 14.49
N ALA A 715 -14.04 7.01 15.28
CA ALA A 715 -13.95 7.29 16.71
C ALA A 715 -13.39 6.08 17.45
N VAL A 716 -12.67 6.35 18.54
CA VAL A 716 -12.11 5.29 19.36
C VAL A 716 -13.05 4.88 20.50
N HIS A 717 -14.04 5.70 20.82
CA HIS A 717 -14.96 5.42 21.93
C HIS A 717 -16.21 6.29 21.84
N THR A 718 -17.37 5.68 22.03
CA THR A 718 -18.63 6.41 22.13
C THR A 718 -19.20 6.19 23.52
N ALA A 719 -19.85 7.22 24.05
CA ALA A 719 -20.50 7.15 25.35
C ALA A 719 -21.78 7.97 25.30
N LYS A 720 -22.61 7.78 26.33
CA LYS A 720 -23.89 8.47 26.45
C LYS A 720 -23.94 9.11 27.83
N VAL A 721 -23.81 10.43 27.88
CA VAL A 721 -23.92 11.16 29.14
C VAL A 721 -25.36 11.57 29.34
N ILE A 722 -25.87 11.37 30.55
CA ILE A 722 -27.26 11.66 30.90
C ILE A 722 -27.25 12.48 32.18
N VAL A 723 -27.59 13.77 32.07
CA VAL A 723 -27.80 14.61 33.23
C VAL A 723 -29.30 14.76 33.44
N GLY A 724 -29.79 14.29 34.58
CA GLY A 724 -31.22 14.30 34.87
C GLY A 724 -31.98 13.18 34.18
N ASP A 725 -33.18 13.50 33.68
CA ASP A 725 -34.01 12.52 33.02
C ASP A 725 -33.52 12.27 31.60
N GLU A 726 -33.32 11.00 31.26
CA GLU A 726 -32.83 10.64 29.94
C GLU A 726 -33.85 11.04 28.87
N LYS A 727 -33.34 11.56 27.76
CA LYS A 727 -34.16 11.93 26.61
C LYS A 727 -33.73 11.14 25.39
N THR A 728 -34.68 10.69 24.59
CA THR A 728 -34.37 10.04 23.34
C THR A 728 -33.70 11.03 22.40
N MET A 729 -32.73 10.54 21.64
CA MET A 729 -31.97 11.39 20.73
C MET A 729 -32.75 11.60 19.44
N MET A 730 -32.92 12.86 19.05
CA MET A 730 -33.64 13.19 17.83
C MET A 730 -32.82 12.80 16.60
N VAL A 731 -33.50 12.75 15.46
CA VAL A 731 -32.86 12.47 14.18
C VAL A 731 -33.16 13.65 13.25
N ASN A 732 -32.31 13.78 12.23
CA ASN A 732 -32.44 14.86 11.25
C ASN A 732 -33.37 14.38 10.13
N LEU A 733 -34.68 14.49 10.39
CA LEU A 733 -35.68 14.07 9.43
C LEU A 733 -35.55 14.78 8.08
N ALA A 734 -34.78 15.87 8.02
CA ALA A 734 -34.62 16.59 6.76
C ALA A 734 -33.55 16.00 5.87
N GLU A 735 -32.63 15.19 6.42
CA GLU A 735 -31.59 14.59 5.60
C GLU A 735 -32.21 13.75 4.50
N GLY A 736 -31.68 13.91 3.29
CA GLY A 736 -32.22 13.18 2.15
C GLY A 736 -33.54 13.71 1.64
N ALA A 737 -33.93 14.92 2.05
CA ALA A 737 -35.21 15.45 1.64
C ALA A 737 -35.21 15.82 0.16
N THR A 738 -36.40 15.84 -0.43
CA THR A 738 -36.57 16.07 -1.86
C THR A 738 -36.92 17.53 -2.12
N VAL A 739 -36.14 18.19 -2.97
CA VAL A 739 -36.37 19.58 -3.32
C VAL A 739 -37.33 19.58 -4.49
N ILE A 740 -38.38 20.41 -4.42
CA ILE A 740 -39.37 20.45 -5.49
C ILE A 740 -39.66 21.88 -5.94
N GLY A 741 -38.84 22.83 -5.51
CA GLY A 741 -39.15 24.22 -5.78
C GLY A 741 -38.21 25.16 -5.04
N GLY A 742 -38.62 26.42 -4.99
CA GLY A 742 -37.77 27.47 -4.44
C GLY A 742 -36.92 28.11 -5.50
N SER A 743 -36.63 29.41 -5.30
CA SER A 743 -35.77 30.12 -6.24
C SER A 743 -34.36 29.53 -6.25
N ALA A 744 -33.91 29.08 -5.08
CA ALA A 744 -32.54 28.61 -4.91
C ALA A 744 -32.19 27.47 -5.85
N ASP A 745 -30.95 27.47 -6.32
CA ASP A 745 -30.39 26.61 -7.36
C ASP A 745 -30.61 25.18 -6.87
N PRO A 746 -31.46 24.40 -7.52
CA PRO A 746 -31.77 23.05 -7.01
C PRO A 746 -30.57 22.13 -6.86
N VAL A 747 -29.56 22.21 -7.72
CA VAL A 747 -28.36 21.41 -7.49
C VAL A 747 -27.71 21.81 -6.17
N ASN A 748 -27.61 23.12 -5.91
CA ASN A 748 -27.01 23.55 -4.65
C ASN A 748 -27.97 23.41 -3.48
N ALA A 749 -29.25 23.75 -3.68
CA ALA A 749 -30.26 23.57 -2.64
C ALA A 749 -30.14 22.21 -1.95
N ARG A 750 -30.06 21.14 -2.75
CA ARG A 750 -30.03 19.78 -2.21
C ARG A 750 -28.83 19.52 -1.31
N LYS A 751 -27.83 20.41 -1.32
CA LYS A 751 -26.66 20.24 -0.44
C LYS A 751 -26.92 20.69 0.99
N VAL A 752 -28.01 21.43 1.23
CA VAL A 752 -28.41 21.71 2.61
C VAL A 752 -28.99 20.51 3.30
N PHE A 753 -29.32 19.45 2.56
CA PHE A 753 -29.86 18.21 3.11
C PHE A 753 -28.88 17.05 3.07
N ASP A 754 -27.59 17.33 2.85
CA ASP A 754 -26.58 16.33 2.51
C ASP A 754 -25.79 15.90 3.75
N GLY A 755 -26.24 16.31 4.94
CA GLY A 755 -25.70 15.88 6.22
C GLY A 755 -24.34 16.43 6.61
N GLN A 756 -23.43 16.66 5.67
CA GLN A 756 -22.15 17.27 6.03
C GLN A 756 -22.23 18.76 5.76
N LEU A 757 -21.34 19.51 6.41
CA LEU A 757 -21.28 20.95 6.16
C LEU A 757 -20.64 21.23 4.81
N GLY A 758 -19.70 20.39 4.39
CA GLY A 758 -18.96 20.62 3.18
C GLY A 758 -17.59 21.23 3.43
N SER A 759 -16.79 21.19 2.37
CA SER A 759 -15.52 21.90 2.29
C SER A 759 -15.75 23.27 1.67
N GLU A 760 -14.85 24.18 1.95
CA GLU A 760 -14.90 25.53 1.39
C GLU A 760 -14.34 25.61 -0.02
N THR A 761 -14.04 24.48 -0.65
CA THR A 761 -13.78 24.50 -2.10
C THR A 761 -15.07 24.53 -2.91
N ASP A 762 -16.10 23.79 -2.47
CA ASP A 762 -17.36 23.74 -3.21
C ASP A 762 -18.20 25.00 -3.00
N ASN A 763 -18.60 25.62 -4.12
CA ASN A 763 -19.61 26.67 -4.08
C ASN A 763 -20.97 26.05 -3.79
N ILE A 764 -21.58 26.47 -2.68
CA ILE A 764 -22.92 26.08 -2.25
C ILE A 764 -23.89 27.26 -2.23
N SER A 765 -23.61 28.30 -3.01
CA SER A 765 -24.48 29.46 -3.03
C SER A 765 -25.85 29.10 -3.62
N LEU A 766 -26.90 29.55 -2.94
CA LEU A 766 -28.28 29.23 -3.28
C LEU A 766 -28.75 29.94 -4.56
N GLY A 767 -28.21 31.10 -4.87
CA GLY A 767 -28.65 31.79 -6.07
C GLY A 767 -28.25 33.25 -6.06
N TRP A 768 -28.76 33.97 -7.07
CA TRP A 768 -28.32 35.32 -7.38
C TRP A 768 -28.76 36.36 -6.36
N ASP A 769 -30.07 36.66 -6.31
CA ASP A 769 -30.51 37.75 -5.45
C ASP A 769 -30.40 37.35 -3.98
N SER A 770 -30.71 38.29 -3.09
CA SER A 770 -30.27 38.16 -1.71
C SER A 770 -31.22 37.34 -0.86
N LYS A 771 -32.44 37.13 -1.33
CA LYS A 771 -33.42 36.28 -0.67
C LYS A 771 -33.70 35.07 -1.56
N GLN A 772 -33.65 33.87 -0.98
CA GLN A 772 -33.80 32.63 -1.73
C GLN A 772 -34.65 31.68 -0.90
N SER A 773 -35.67 31.10 -1.54
CA SER A 773 -36.46 30.04 -0.93
C SER A 773 -35.99 28.65 -1.37
N ILE A 774 -36.41 27.66 -0.60
CA ILE A 774 -36.29 26.25 -0.97
C ILE A 774 -37.57 25.54 -0.55
N ILE A 775 -38.18 24.83 -1.49
CA ILE A 775 -39.40 24.06 -1.24
C ILE A 775 -39.00 22.60 -1.28
N PHE A 776 -39.44 21.82 -0.30
CA PHE A 776 -38.93 20.46 -0.18
C PHE A 776 -39.89 19.60 0.64
N LYS A 777 -39.81 18.30 0.39
CA LYS A 777 -40.59 17.29 1.08
C LYS A 777 -39.64 16.41 1.90
N LEU A 778 -40.06 16.07 3.12
CA LEU A 778 -39.24 15.23 3.97
C LEU A 778 -39.21 13.80 3.45
N LYS A 779 -38.19 13.05 3.88
CA LYS A 779 -38.01 11.67 3.45
C LYS A 779 -39.19 10.82 3.90
N GLU A 780 -39.24 10.50 5.20
CA GLU A 780 -40.31 9.71 5.78
C GLU A 780 -41.08 10.53 6.79
N ASP A 781 -42.32 10.10 7.06
CA ASP A 781 -43.17 10.78 8.03
C ASP A 781 -42.42 10.95 9.35
N GLY A 782 -42.88 11.88 10.19
CA GLY A 782 -42.17 12.20 11.41
C GLY A 782 -42.96 13.16 12.26
N LEU A 783 -42.58 13.24 13.53
CA LEU A 783 -43.02 14.28 14.44
C LEU A 783 -41.85 15.24 14.67
N ILE A 784 -42.01 16.49 14.22
CA ILE A 784 -40.94 17.47 14.25
C ILE A 784 -41.03 18.27 15.54
N LYS A 785 -39.88 18.43 16.22
CA LYS A 785 -39.81 19.10 17.50
C LYS A 785 -38.76 20.20 17.57
N HIS A 786 -37.96 20.38 16.53
CA HIS A 786 -36.84 21.31 16.58
C HIS A 786 -36.41 21.60 15.14
N TRP A 787 -35.59 22.63 14.97
CA TRP A 787 -34.98 22.90 13.68
C TRP A 787 -33.73 23.74 13.90
N ARG A 788 -32.82 23.67 12.92
CA ARG A 788 -31.55 24.36 13.03
C ARG A 788 -31.02 24.62 11.63
N PHE A 789 -30.47 25.82 11.43
CA PHE A 789 -29.77 26.17 10.20
C PHE A 789 -28.44 26.80 10.58
N PHE A 790 -27.38 26.37 9.90
CA PHE A 790 -26.03 26.85 10.18
C PHE A 790 -25.71 28.07 9.35
N ASN A 791 -25.03 29.03 9.97
CA ASN A 791 -24.43 30.12 9.21
C ASN A 791 -23.18 29.61 8.50
N ASP A 792 -22.64 30.45 7.61
CA ASP A 792 -21.49 30.04 6.84
C ASP A 792 -20.24 29.94 7.71
N SER A 793 -20.18 30.70 8.80
CA SER A 793 -19.04 30.63 9.71
C SER A 793 -18.88 29.24 10.33
N ALA A 794 -19.91 28.41 10.27
CA ALA A 794 -19.80 27.04 10.78
C ALA A 794 -18.86 26.20 9.91
N ARG A 795 -18.82 26.48 8.61
CA ARG A 795 -17.99 25.68 7.71
C ARG A 795 -16.55 26.19 7.70
N ASN A 796 -16.35 27.46 7.37
CA ASN A 796 -15.05 28.11 7.45
C ASN A 796 -15.20 29.35 8.32
N PRO A 797 -14.56 29.44 9.49
CA PRO A 797 -14.82 30.62 10.36
C PRO A 797 -14.43 31.94 9.73
N GLU A 798 -13.62 31.92 8.67
CA GLU A 798 -13.10 33.15 8.06
C GLU A 798 -13.85 33.48 6.78
N THR A 799 -14.97 32.80 6.54
CA THR A 799 -15.76 32.98 5.34
C THR A 799 -16.15 34.45 5.15
N THR A 800 -16.18 34.88 3.90
CA THR A 800 -16.54 36.24 3.56
C THR A 800 -18.00 36.37 3.14
N ASN A 801 -18.74 35.27 3.14
CA ASN A 801 -20.16 35.29 2.81
C ASN A 801 -20.89 35.82 4.04
N LYS A 802 -21.63 36.91 3.89
CA LYS A 802 -22.29 37.50 5.04
C LYS A 802 -23.28 36.50 5.64
N PRO A 803 -23.73 36.74 6.87
CA PRO A 803 -24.65 35.81 7.51
C PRO A 803 -26.11 36.12 7.23
N ILE A 804 -26.95 35.12 7.50
CA ILE A 804 -28.39 35.27 7.33
C ILE A 804 -28.92 36.21 8.39
N GLN A 805 -29.65 37.24 7.95
CA GLN A 805 -30.22 38.20 8.88
C GLN A 805 -31.62 37.78 9.33
N GLU A 806 -32.41 37.22 8.42
CA GLU A 806 -33.82 36.94 8.68
C GLU A 806 -34.23 35.71 7.88
N ALA A 807 -34.97 34.81 8.52
CA ALA A 807 -35.35 33.56 7.90
C ALA A 807 -36.71 33.13 8.42
N SER A 808 -37.41 32.33 7.61
CA SER A 808 -38.72 31.81 7.96
C SER A 808 -38.82 30.35 7.55
N LEU A 809 -39.35 29.52 8.45
CA LEU A 809 -39.63 28.12 8.17
C LEU A 809 -41.14 27.95 8.12
N GLN A 810 -41.63 27.27 7.08
CA GLN A 810 -43.05 27.25 6.79
C GLN A 810 -43.48 25.86 6.34
N ILE A 811 -44.76 25.56 6.54
CA ILE A 811 -45.37 24.31 6.10
C ILE A 811 -46.51 24.64 5.14
N PHE A 812 -46.92 23.65 4.36
CA PHE A 812 -47.88 23.87 3.30
C PHE A 812 -49.30 23.91 3.85
N ASN A 813 -50.06 24.93 3.45
CA ASN A 813 -51.46 25.09 3.86
C ASN A 813 -52.30 24.03 3.15
N ILE A 814 -52.32 22.84 3.74
CA ILE A 814 -52.98 21.70 3.11
C ILE A 814 -54.50 21.74 3.29
N LYS A 815 -55.00 22.46 4.29
CA LYS A 815 -56.44 22.51 4.53
C LYS A 815 -57.18 23.21 3.39
N ASP A 816 -56.58 24.27 2.85
CA ASP A 816 -57.26 25.10 1.86
C ASP A 816 -56.84 24.80 0.42
N TYR A 817 -55.65 24.28 0.21
CA TYR A 817 -55.09 24.07 -1.11
C TYR A 817 -54.82 22.59 -1.34
N ASN A 818 -54.85 22.17 -2.61
CA ASN A 818 -54.66 20.77 -2.94
C ASN A 818 -53.19 20.44 -3.13
N LEU A 819 -52.73 19.44 -2.37
CA LEU A 819 -51.36 18.97 -2.48
C LEU A 819 -51.00 18.63 -3.92
N ASP A 820 -51.97 18.07 -4.66
CA ASP A 820 -51.76 17.70 -6.05
C ASP A 820 -51.50 18.91 -6.94
N ASN A 821 -52.18 20.03 -6.71
CA ASN A 821 -51.82 21.26 -7.39
C ASN A 821 -50.38 21.65 -7.12
N LEU A 822 -49.93 21.52 -5.86
CA LEU A 822 -48.54 21.84 -5.57
C LEU A 822 -47.62 20.93 -6.37
N LEU A 823 -47.92 19.62 -6.39
CA LEU A 823 -47.02 18.65 -6.99
C LEU A 823 -46.96 18.77 -8.51
N GLU A 824 -47.96 19.39 -9.13
CA GLU A 824 -48.02 19.43 -10.59
C GLU A 824 -47.29 20.65 -11.12
N ASN A 825 -47.27 21.73 -10.33
CA ASN A 825 -46.59 22.97 -10.72
C ASN A 825 -46.01 23.57 -9.44
N PRO A 826 -44.94 22.96 -8.92
CA PRO A 826 -44.45 23.38 -7.59
C PRO A 826 -43.89 24.79 -7.57
N ASN A 827 -43.38 25.27 -8.70
CA ASN A 827 -42.81 26.62 -8.76
C ASN A 827 -43.87 27.70 -8.64
N LYS A 828 -45.06 27.47 -9.22
CA LYS A 828 -46.16 28.41 -9.05
C LYS A 828 -46.43 28.77 -7.59
N PHE A 829 -46.10 27.88 -6.65
CA PHE A 829 -46.47 28.04 -5.25
C PHE A 829 -45.34 28.61 -4.40
N ASP A 830 -44.46 29.43 -4.99
CA ASP A 830 -43.36 30.01 -4.22
C ASP A 830 -43.79 31.31 -3.56
N ASP A 831 -45.08 31.42 -3.21
CA ASP A 831 -45.62 32.58 -2.52
C ASP A 831 -46.02 32.18 -1.11
N GLU A 832 -45.75 33.07 -0.14
CA GLU A 832 -46.06 32.75 1.25
C GLU A 832 -47.56 32.68 1.52
N LYS A 833 -48.40 33.07 0.56
CA LYS A 833 -49.84 32.94 0.75
C LYS A 833 -50.25 31.47 0.86
N TYR A 834 -49.53 30.58 0.19
CA TYR A 834 -49.85 29.16 0.20
C TYR A 834 -49.25 28.41 1.37
N TRP A 835 -48.41 29.06 2.18
CA TRP A 835 -47.70 28.39 3.25
C TRP A 835 -48.11 28.97 4.60
N ILE A 836 -47.74 28.26 5.66
CA ILE A 836 -48.00 28.65 7.03
C ILE A 836 -46.68 28.71 7.78
N THR A 837 -46.45 29.82 8.47
CA THR A 837 -45.18 30.06 9.17
C THR A 837 -45.25 29.48 10.57
N VAL A 838 -44.24 28.69 10.95
CA VAL A 838 -44.21 28.03 12.26
C VAL A 838 -43.17 28.70 13.13
N ASP A 839 -42.15 29.29 12.51
CA ASP A 839 -41.12 30.00 13.27
C ASP A 839 -40.36 30.94 12.35
N THR A 840 -39.98 32.09 12.89
CA THR A 840 -39.18 33.08 12.17
C THR A 840 -37.91 33.38 12.97
N TYR A 841 -36.80 33.50 12.25
CA TYR A 841 -35.53 33.88 12.84
C TYR A 841 -35.18 35.30 12.43
N SER A 842 -34.73 36.09 13.40
CA SER A 842 -34.29 37.46 13.15
C SER A 842 -32.98 37.67 13.91
N ALA A 843 -31.88 37.80 13.17
CA ALA A 843 -30.59 38.02 13.80
C ALA A 843 -30.56 39.39 14.47
N GLN A 844 -30.19 39.41 15.75
CA GLN A 844 -30.14 40.66 16.50
C GLN A 844 -28.89 41.47 16.21
N GLY A 845 -27.94 40.92 15.46
CA GLY A 845 -26.69 41.57 15.18
C GLY A 845 -25.48 41.01 15.94
N GLU A 846 -25.60 39.81 16.51
CA GLU A 846 -24.52 39.20 17.26
C GLU A 846 -23.98 37.99 16.52
N ARG A 847 -22.66 37.80 16.55
CA ARG A 847 -22.03 36.68 15.87
C ARG A 847 -22.68 35.37 16.30
N ALA A 848 -23.10 34.58 15.31
CA ALA A 848 -23.84 33.36 15.55
C ALA A 848 -23.41 32.29 14.55
N THR A 849 -22.89 31.17 15.06
CA THR A 849 -22.49 30.07 14.20
C THR A 849 -23.68 29.25 13.70
N ALA A 850 -24.81 29.31 14.39
CA ALA A 850 -26.02 28.60 13.98
C ALA A 850 -27.16 29.09 14.85
N PHE A 851 -28.38 28.75 14.44
CA PHE A 851 -29.58 29.06 15.21
C PHE A 851 -30.44 27.81 15.33
N SER A 852 -31.08 27.65 16.48
CA SER A 852 -31.97 26.52 16.72
C SER A 852 -33.10 26.98 17.62
N ASN A 853 -34.28 26.40 17.38
CA ASN A 853 -35.45 26.72 18.18
C ASN A 853 -36.41 25.54 18.12
N THR A 854 -37.24 25.42 19.15
CA THR A 854 -38.19 24.32 19.23
C THR A 854 -39.31 24.51 18.20
N LEU A 855 -39.98 23.41 17.87
CA LEU A 855 -41.15 23.43 17.04
C LEU A 855 -42.25 22.65 17.73
N ASN A 856 -43.50 23.02 17.46
CA ASN A 856 -44.65 22.50 18.20
C ASN A 856 -45.23 21.27 17.48
N ASN A 857 -44.56 20.14 17.69
CA ASN A 857 -45.03 18.83 17.22
C ASN A 857 -45.69 18.93 15.84
N ILE A 858 -44.92 19.46 14.90
CA ILE A 858 -45.41 19.63 13.53
C ILE A 858 -45.40 18.27 12.83
N THR A 859 -46.33 18.12 11.88
CA THR A 859 -46.54 16.85 11.19
C THR A 859 -46.36 16.93 9.68
N SER A 860 -46.45 18.11 9.08
CA SER A 860 -46.48 18.23 7.63
C SER A 860 -45.28 17.52 7.00
N LYS A 861 -45.49 17.02 5.79
CA LYS A 861 -44.43 16.41 5.00
C LYS A 861 -43.77 17.39 4.04
N TYR A 862 -44.46 18.46 3.67
CA TYR A 862 -43.98 19.42 2.69
C TYR A 862 -43.65 20.74 3.36
N TRP A 863 -42.50 21.31 3.02
CA TRP A 863 -41.94 22.43 3.76
C TRP A 863 -41.47 23.52 2.80
N ARG A 864 -41.19 24.69 3.37
CA ARG A 864 -40.74 25.85 2.62
C ARG A 864 -39.94 26.75 3.56
N VAL A 865 -38.70 27.05 3.18
CA VAL A 865 -37.83 27.91 3.97
C VAL A 865 -37.39 29.07 3.10
N VAL A 866 -37.08 30.20 3.75
CA VAL A 866 -36.47 31.35 3.08
C VAL A 866 -35.36 31.88 3.98
N PHE A 867 -34.25 32.27 3.37
CA PHE A 867 -33.17 32.96 4.05
C PHE A 867 -32.97 34.33 3.43
N ASP A 868 -32.50 35.28 4.23
CA ASP A 868 -32.22 36.61 3.69
C ASP A 868 -31.05 37.24 4.43
N THR A 869 -30.01 37.58 3.67
CA THR A 869 -28.85 38.29 4.17
C THR A 869 -29.08 39.79 4.19
N LYS A 870 -30.20 40.26 3.65
CA LYS A 870 -30.60 41.67 3.59
C LYS A 870 -29.65 42.52 2.75
N GLY A 871 -28.69 41.90 2.06
CA GLY A 871 -27.72 42.68 1.30
C GLY A 871 -28.26 42.98 -0.09
N ASP A 872 -28.40 44.27 -0.41
CA ASP A 872 -29.09 44.70 -1.63
C ASP A 872 -28.82 43.78 -2.82
N ARG A 873 -27.55 43.63 -3.20
CA ARG A 873 -27.16 42.76 -4.28
C ARG A 873 -25.82 42.12 -3.94
N TYR A 874 -25.42 41.15 -4.77
CA TYR A 874 -24.17 40.41 -4.55
C TYR A 874 -24.10 39.83 -3.14
N SER A 875 -25.27 39.55 -2.56
CA SER A 875 -25.38 38.93 -1.24
C SER A 875 -25.97 37.53 -1.44
N SER A 876 -25.14 36.51 -1.26
CA SER A 876 -25.55 35.15 -1.56
C SER A 876 -25.93 34.43 -0.29
N PRO A 877 -27.13 33.86 -0.17
CA PRO A 877 -27.42 33.02 1.00
C PRO A 877 -26.60 31.73 0.92
N VAL A 878 -25.82 31.45 1.96
CA VAL A 878 -25.00 30.25 2.01
C VAL A 878 -25.37 29.50 3.27
N VAL A 879 -26.02 28.35 3.12
CA VAL A 879 -26.50 27.57 4.24
C VAL A 879 -25.86 26.18 4.14
N PRO A 880 -24.86 25.89 4.98
CA PRO A 880 -24.27 24.54 4.94
C PRO A 880 -25.31 23.43 5.00
N GLU A 881 -26.18 23.45 6.00
CA GLU A 881 -27.19 22.42 6.18
C GLU A 881 -28.38 22.98 6.93
N LEU A 882 -29.58 22.66 6.45
CA LEU A 882 -30.81 22.93 7.18
C LEU A 882 -31.27 21.63 7.84
N GLN A 883 -31.68 21.74 9.10
CA GLN A 883 -32.03 20.57 9.90
C GLN A 883 -33.44 20.71 10.44
N ILE A 884 -34.32 19.82 10.04
CA ILE A 884 -35.63 19.65 10.65
C ILE A 884 -35.55 18.39 11.50
N LEU A 885 -35.66 18.56 12.81
CA LEU A 885 -35.36 17.50 13.77
C LEU A 885 -36.64 17.00 14.43
N GLY A 886 -36.54 15.80 14.99
CA GLY A 886 -37.70 15.18 15.60
C GLY A 886 -37.44 13.71 15.85
N TYR A 887 -38.53 12.94 15.93
CA TYR A 887 -38.45 11.49 15.97
C TYR A 887 -39.30 10.88 14.85
N PRO A 888 -38.92 9.72 14.31
CA PRO A 888 -39.79 9.05 13.34
C PRO A 888 -41.07 8.57 13.99
N LEU A 889 -42.18 8.72 13.28
CA LEU A 889 -43.49 8.32 13.79
C LEU A 889 -44.40 8.06 12.59
N PRO A 890 -44.63 6.79 12.25
CA PRO A 890 -45.57 6.51 11.14
C PRO A 890 -46.95 7.05 11.45
N ASN A 891 -47.59 7.61 10.43
CA ASN A 891 -48.96 8.10 10.53
C ASN A 891 -49.08 9.25 11.53
N ALA A 892 -48.10 10.15 11.53
CA ALA A 892 -48.17 11.32 12.40
C ALA A 892 -49.42 12.14 12.11
N ASP A 893 -49.81 12.23 10.84
CA ASP A 893 -51.02 12.93 10.43
C ASP A 893 -52.21 12.49 11.29
N THR A 894 -52.58 11.21 11.14
CA THR A 894 -53.77 10.67 11.79
C THR A 894 -53.71 10.84 13.31
N ILE A 895 -52.58 10.46 13.92
CA ILE A 895 -52.44 10.58 15.37
C ILE A 895 -52.63 12.03 15.84
N MET A 896 -51.98 12.99 15.18
CA MET A 896 -52.12 14.36 15.65
C MET A 896 -53.52 14.90 15.34
N LYS A 897 -54.11 14.43 14.24
CA LYS A 897 -55.49 14.75 13.91
C LYS A 897 -56.46 14.26 14.98
N THR A 898 -56.19 13.08 15.54
CA THR A 898 -56.99 12.54 16.64
C THR A 898 -56.90 13.39 17.91
N VAL A 899 -55.73 13.95 18.21
CA VAL A 899 -55.62 14.82 19.37
C VAL A 899 -56.56 16.00 19.25
N THR A 900 -56.49 16.72 18.13
CA THR A 900 -57.29 17.93 17.95
C THR A 900 -58.80 17.65 17.92
N THR A 901 -59.21 16.38 17.80
CA THR A 901 -60.63 16.07 17.78
C THR A 901 -61.19 15.94 19.19
N ALA A 902 -60.51 15.19 20.05
CA ALA A 902 -60.91 15.09 21.44
C ALA A 902 -61.02 16.45 22.11
N LYS A 903 -60.06 17.34 21.84
CA LYS A 903 -60.13 18.68 22.40
C LYS A 903 -61.38 19.42 21.94
N GLU A 904 -61.69 19.34 20.63
CA GLU A 904 -62.92 19.96 20.12
C GLU A 904 -64.16 19.37 20.78
N LEU A 905 -64.30 18.04 20.73
CA LEU A 905 -65.39 17.35 21.42
C LEU A 905 -65.54 17.83 22.85
N SER A 906 -64.42 17.94 23.58
CA SER A 906 -64.54 18.25 25.00
C SER A 906 -65.16 19.62 25.24
N GLN A 907 -65.25 20.48 24.22
CA GLN A 907 -65.89 21.77 24.42
C GLN A 907 -67.39 21.69 24.21
N GLN A 908 -67.86 20.66 23.52
CA GLN A 908 -69.28 20.54 23.14
C GLN A 908 -70.05 19.89 24.29
N LYS A 909 -70.18 20.63 25.38
CA LYS A 909 -70.68 20.09 26.64
C LYS A 909 -72.20 19.92 26.64
N ASP A 910 -72.85 20.23 25.53
CA ASP A 910 -74.28 19.96 25.33
C ASP A 910 -74.47 18.62 24.63
N LYS A 911 -73.58 18.28 23.70
CA LYS A 911 -73.68 17.00 23.00
C LYS A 911 -73.29 15.83 23.90
N PHE A 912 -72.25 16.01 24.72
CA PHE A 912 -71.74 14.97 25.60
C PHE A 912 -71.93 15.38 27.06
N SER A 913 -72.31 14.42 27.90
CA SER A 913 -72.39 14.74 29.32
C SER A 913 -71.00 15.01 29.87
N GLN A 914 -70.96 15.74 31.00
CA GLN A 914 -69.69 15.97 31.70
C GLN A 914 -69.00 14.65 32.05
N LYS A 915 -69.77 13.64 32.42
CA LYS A 915 -69.19 12.35 32.81
C LYS A 915 -68.52 11.66 31.62
N MET A 916 -69.14 11.72 30.44
CA MET A 916 -68.52 11.22 29.22
C MET A 916 -67.23 11.96 28.92
N LEU A 917 -67.20 13.26 29.18
CA LEU A 917 -66.07 14.11 28.83
C LEU A 917 -64.88 13.91 29.77
N ASP A 918 -65.13 13.64 31.05
CA ASP A 918 -64.03 13.44 31.99
C ASP A 918 -63.21 12.20 31.63
N GLU A 919 -63.88 11.12 31.23
CA GLU A 919 -63.16 9.91 30.82
C GLU A 919 -62.39 10.15 29.52
N LEU A 920 -63.02 10.84 28.56
CA LEU A 920 -62.35 11.18 27.31
C LEU A 920 -61.18 12.14 27.53
N LYS A 921 -61.33 13.10 28.45
CA LYS A 921 -60.23 14.00 28.77
C LYS A 921 -58.99 13.25 29.24
N ILE A 922 -59.16 12.29 30.15
CA ILE A 922 -58.01 11.53 30.65
C ILE A 922 -57.27 10.85 29.50
N LYS A 923 -58.03 10.25 28.56
CA LYS A 923 -57.40 9.59 27.42
C LYS A 923 -56.73 10.57 26.45
N GLU A 924 -57.36 11.71 26.13
CA GLU A 924 -56.66 12.70 25.30
C GLU A 924 -55.41 13.20 25.97
N MET A 925 -55.49 13.52 27.27
CA MET A 925 -54.32 13.91 28.05
C MET A 925 -53.24 12.84 28.01
N ALA A 926 -53.63 11.57 28.17
CA ALA A 926 -52.66 10.48 28.16
C ALA A 926 -51.86 10.43 26.86
N LEU A 927 -52.55 10.53 25.72
CA LEU A 927 -51.88 10.60 24.42
C LEU A 927 -50.93 11.79 24.30
N GLU A 928 -51.39 12.98 24.65
CA GLU A 928 -50.49 14.15 24.60
C GLU A 928 -49.24 13.92 25.45
N THR A 929 -49.39 13.29 26.62
CA THR A 929 -48.24 13.06 27.48
C THR A 929 -47.20 12.18 26.79
N SER A 930 -47.63 11.19 26.02
CA SER A 930 -46.71 10.26 25.39
C SER A 930 -46.03 10.86 24.16
N LEU A 931 -46.66 11.85 23.52
CA LEU A 931 -46.04 12.51 22.38
C LEU A 931 -44.96 13.50 22.81
N ASN A 932 -45.06 14.05 24.02
CA ASN A 932 -44.10 15.03 24.53
C ASN A 932 -43.21 14.45 25.62
N SER A 933 -43.15 13.12 25.73
CA SER A 933 -42.36 12.49 26.77
C SER A 933 -40.88 12.50 26.41
N LYS A 934 -40.04 12.61 27.44
CA LYS A 934 -38.60 12.67 27.22
C LYS A 934 -38.09 11.39 26.57
N ILE A 935 -38.63 10.24 26.97
CA ILE A 935 -38.36 8.98 26.30
C ILE A 935 -39.46 8.77 25.27
N PHE A 936 -39.12 8.95 23.99
CA PHE A 936 -40.09 8.75 22.92
C PHE A 936 -40.34 7.25 22.73
N ASP A 937 -41.61 6.86 22.69
CA ASP A 937 -42.00 5.45 22.62
C ASP A 937 -43.12 5.32 21.60
N VAL A 938 -42.76 4.93 20.37
CA VAL A 938 -43.76 4.81 19.30
C VAL A 938 -44.81 3.78 19.66
N THR A 939 -44.44 2.74 20.41
CA THR A 939 -45.40 1.68 20.73
C THR A 939 -46.44 2.17 21.74
N ALA A 940 -46.02 2.97 22.71
CA ALA A 940 -46.98 3.55 23.64
C ALA A 940 -47.87 4.59 22.96
N ILE A 941 -47.29 5.39 22.07
CA ILE A 941 -48.07 6.39 21.34
C ILE A 941 -49.20 5.71 20.59
N ASN A 942 -48.88 4.70 19.77
CA ASN A 942 -49.91 4.00 19.00
C ASN A 942 -50.96 3.39 19.92
N ALA A 943 -50.54 2.90 21.09
CA ALA A 943 -51.50 2.31 22.03
C ALA A 943 -52.47 3.36 22.56
N ASN A 944 -51.99 4.57 22.85
CA ASN A 944 -52.86 5.62 23.35
C ASN A 944 -53.75 6.16 22.25
N ALA A 945 -53.17 6.51 21.11
CA ALA A 945 -53.95 7.04 20.00
C ALA A 945 -54.98 6.03 19.49
N GLY A 946 -54.76 4.75 19.72
CA GLY A 946 -55.74 3.75 19.36
C GLY A 946 -56.88 3.70 20.36
N VAL A 947 -56.55 3.89 21.63
CA VAL A 947 -57.57 3.96 22.67
C VAL A 947 -58.45 5.18 22.45
N LEU A 948 -57.83 6.31 22.07
CA LEU A 948 -58.60 7.55 21.92
C LEU A 948 -59.57 7.46 20.76
N LYS A 949 -59.08 7.06 19.57
CA LYS A 949 -59.97 6.90 18.43
C LYS A 949 -61.08 5.90 18.73
N ASP A 950 -60.76 4.85 19.48
CA ASP A 950 -61.77 3.86 19.82
C ASP A 950 -62.86 4.45 20.72
N CYS A 951 -62.47 5.28 21.68
CA CYS A 951 -63.45 5.88 22.58
C CYS A 951 -64.36 6.86 21.86
N ILE A 952 -63.87 7.53 20.82
CA ILE A 952 -64.68 8.49 20.08
C ILE A 952 -65.89 7.79 19.48
#